data_9RFE
#
_entry.id   9RFE
#
_cell.length_a   45.22
_cell.length_b   66.02
_cell.length_c   70.86
_cell.angle_alpha   115.28
_cell.angle_beta   96.392
_cell.angle_gamma   104.332
#
_symmetry.space_group_name_H-M   'P 1'
#
loop_
_entity.id
_entity.type
_entity.pdbx_description
1 polymer 'ADP-ribosylhydrolase ARH3'
2 non-polymer 'MAGNESIUM ION'
3 non-polymer 'ACETIC ACID'
4 non-polymer 2-[(2~{E})-2-[1-(4-aminophenyl)ethylidene]hydrazinyl]-6-methyl-1~{H}-pyrimidin-4-one
5 water water
#
_entity_poly.entity_id   1
_entity_poly.type   'polypeptide(L)'
_entity_poly.pdbx_seq_one_letter_code
;SMAGAARSLSRFRGCLAGALLGDCVGSFYEAHDTVDLTSVLRHVQSLEPDPGTPGSERTEALYYTDDTAMARALVQSLLA
KEAFDEVDMAHRFAQEYKKDPDRGYGAGVVTVFKKLLNPKCRDVFEPARAQFNGKGSYGNGGAMRVAGISLAYSSVQDVQ
KFARLSAQLTHASSLGYNGAILQALAVHLALQGESSSEHFLKQLLGHMEDLEGDAQSVLDARELGMEERPYSSRLKKIGE
LLDQASVTREEVVSELGNGIAAFESVPTAIYCFLRCMEPDPEIPSAFNSLQRTLIYSISLGGDTDTIATMAGAIAGAYYG
MDQVPESWQQSCEGYEETDILAQSLHRVFQKS
;
_entity_poly.pdbx_strand_id   A,B
#
# COMPACT_ATOMS: atom_id res chain seq x y z
N ALA A 3 -19.54 2.98 30.50
CA ALA A 3 -19.86 3.54 29.17
C ALA A 3 -20.96 4.61 29.27
N GLY A 4 -21.80 4.53 30.32
CA GLY A 4 -22.78 5.56 30.59
C GLY A 4 -24.01 5.45 29.69
N ALA A 5 -24.58 6.61 29.34
CA ALA A 5 -25.85 6.66 28.65
C ALA A 5 -25.71 6.10 27.23
N ALA A 6 -26.85 5.75 26.65
CA ALA A 6 -26.97 5.50 25.22
C ALA A 6 -26.23 6.57 24.43
N ARG A 7 -25.38 6.15 23.48
CA ARG A 7 -24.78 7.03 22.48
C ARG A 7 -23.87 8.09 23.12
N SER A 8 -23.26 7.74 24.27
CA SER A 8 -22.33 8.60 24.97
C SER A 8 -21.03 8.78 24.18
N LEU A 9 -20.29 9.83 24.53
CA LEU A 9 -18.96 10.03 23.98
C LEU A 9 -18.11 8.79 24.20
N SER A 10 -18.15 8.21 25.41
CA SER A 10 -17.35 7.02 25.71
C SER A 10 -17.65 5.87 24.75
N ARG A 11 -18.93 5.69 24.40
CA ARG A 11 -19.31 4.61 23.52
C ARG A 11 -18.79 4.87 22.11
N PHE A 12 -18.84 6.12 21.64
CA PHE A 12 -18.36 6.49 20.32
C PHE A 12 -16.87 6.20 20.22
N ARG A 13 -16.10 6.67 21.21
CA ARG A 13 -14.66 6.46 21.24
C ARG A 13 -14.35 4.97 21.30
N GLY A 14 -15.06 4.27 22.18
CA GLY A 14 -14.85 2.84 22.36
C GLY A 14 -15.14 2.07 21.08
N CYS A 15 -16.21 2.46 20.39
CA CYS A 15 -16.56 1.84 19.12
C CYS A 15 -15.42 1.90 18.11
N LEU A 16 -14.90 3.09 17.82
CA LEU A 16 -13.87 3.20 16.79
C LEU A 16 -12.53 2.65 17.27
N ALA A 17 -12.25 2.72 18.58
CA ALA A 17 -11.02 2.15 19.11
C ALA A 17 -11.07 0.63 19.01
N GLY A 18 -12.23 0.06 19.36
CA GLY A 18 -12.46 -1.37 19.26
C GLY A 18 -12.26 -1.88 17.84
N ALA A 19 -12.78 -1.15 16.86
CA ALA A 19 -12.60 -1.50 15.46
C ALA A 19 -11.12 -1.45 15.07
N LEU A 20 -10.43 -0.38 15.50
CA LEU A 20 -9.02 -0.23 15.21
C LEU A 20 -8.21 -1.37 15.80
N LEU A 21 -8.48 -1.70 17.07
CA LEU A 21 -7.80 -2.81 17.72
C LEU A 21 -8.00 -4.11 16.94
N GLY A 22 -9.23 -4.38 16.53
CA GLY A 22 -9.50 -5.64 15.87
C GLY A 22 -8.74 -5.76 14.56
N ASP A 23 -8.66 -4.64 13.82
CA ASP A 23 -7.95 -4.60 12.55
C ASP A 23 -6.45 -4.81 12.80
N CYS A 24 -5.87 -4.04 13.73
CA CYS A 24 -4.42 -4.02 13.91
C CYS A 24 -3.93 -5.32 14.51
N VAL A 25 -4.59 -5.79 15.57
CA VAL A 25 -4.17 -7.01 16.24
C VAL A 25 -4.56 -8.24 15.41
N GLY A 26 -5.72 -8.20 14.75
CA GLY A 26 -6.17 -9.32 13.93
C GLY A 26 -5.31 -9.54 12.68
N SER A 27 -4.62 -8.49 12.25
CA SER A 27 -3.80 -8.51 11.04
C SER A 27 -2.75 -9.63 11.05
N PHE A 28 -2.14 -9.88 12.22
CA PHE A 28 -1.06 -10.86 12.32
C PHE A 28 -1.53 -12.26 11.90
N TYR A 29 -2.84 -12.53 12.01
CA TYR A 29 -3.37 -13.87 11.80
C TYR A 29 -4.23 -13.94 10.53
N GLU A 30 -4.24 -12.87 9.73
CA GLU A 30 -5.06 -12.84 8.53
C GLU A 30 -4.79 -14.08 7.68
N ALA A 31 -5.88 -14.73 7.25
CA ALA A 31 -5.84 -15.82 6.28
C ALA A 31 -5.14 -17.05 6.84
N HIS A 32 -4.98 -17.13 8.17
CA HIS A 32 -4.54 -18.35 8.81
C HIS A 32 -5.74 -19.28 8.93
N ASP A 33 -5.61 -20.47 8.32
CA ASP A 33 -6.66 -21.48 8.32
C ASP A 33 -7.06 -21.77 9.76
N THR A 34 -6.06 -22.07 10.61
CA THR A 34 -6.29 -22.30 12.02
C THR A 34 -5.40 -21.37 12.84
N VAL A 35 -5.87 -21.06 14.05
CA VAL A 35 -5.13 -20.23 14.99
C VAL A 35 -5.21 -20.90 16.36
N ASP A 36 -4.07 -21.01 17.04
CA ASP A 36 -4.01 -21.55 18.40
C ASP A 36 -4.25 -20.41 19.37
N LEU A 37 -5.05 -20.67 20.41
CA LEU A 37 -5.47 -19.62 21.33
C LEU A 37 -4.27 -19.13 22.14
N THR A 38 -3.42 -20.09 22.59
CA THR A 38 -2.22 -19.77 23.35
C THR A 38 -1.38 -18.76 22.58
N SER A 39 -1.35 -18.89 21.24
CA SER A 39 -0.60 -17.98 20.40
C SER A 39 -1.15 -16.56 20.53
N VAL A 40 -2.46 -16.41 20.35
CA VAL A 40 -3.07 -15.10 20.45
C VAL A 40 -2.71 -14.47 21.78
N LEU A 41 -2.90 -15.23 22.87
CA LEU A 41 -2.64 -14.77 24.22
C LEU A 41 -1.19 -14.30 24.35
N ARG A 42 -0.26 -15.16 23.93
CA ARG A 42 1.15 -14.87 24.01
C ARG A 42 1.42 -13.55 23.28
N HIS A 43 0.75 -13.36 22.14
CA HIS A 43 0.99 -12.24 21.24
C HIS A 43 0.37 -10.95 21.76
N VAL A 44 -0.74 -11.05 22.51
CA VAL A 44 -1.35 -9.86 23.10
C VAL A 44 -0.55 -9.45 24.35
N GLN A 45 0.20 -10.39 24.94
CA GLN A 45 1.15 -10.03 25.97
C GLN A 45 2.15 -9.03 25.40
N SER A 46 2.50 -9.18 24.11
CA SER A 46 3.48 -8.33 23.45
C SER A 46 2.98 -6.89 23.28
N LEU A 47 1.69 -6.64 23.58
CA LEU A 47 1.17 -5.29 23.58
C LEU A 47 1.54 -4.58 24.89
N GLU A 48 1.36 -5.28 26.02
CA GLU A 48 1.55 -4.70 27.35
C GLU A 48 2.95 -4.09 27.47
N PRO A 49 3.15 -3.09 28.37
CA PRO A 49 4.48 -2.57 28.66
C PRO A 49 5.19 -3.38 29.75
N THR A 59 5.56 2.50 20.12
CA THR A 59 4.16 2.98 20.01
C THR A 59 3.76 3.00 18.53
N GLU A 60 2.47 2.73 18.26
CA GLU A 60 1.93 2.69 16.92
C GLU A 60 2.70 1.68 16.06
N ALA A 61 3.06 0.57 16.68
CA ALA A 61 3.86 -0.47 16.05
C ALA A 61 3.03 -1.31 15.08
N LEU A 62 1.72 -1.43 15.32
CA LEU A 62 0.87 -2.29 14.50
C LEU A 62 0.20 -1.43 13.41
N TYR A 63 0.48 -1.77 12.15
CA TYR A 63 -0.16 -1.11 11.03
C TYR A 63 -1.64 -1.47 10.94
N TYR A 64 -2.49 -0.49 10.61
CA TYR A 64 -3.87 -0.79 10.24
C TYR A 64 -3.89 -1.27 8.78
N THR A 65 -5.04 -1.84 8.36
CA THR A 65 -5.20 -2.32 7.01
C THR A 65 -6.32 -1.54 6.31
N ASP A 66 -6.73 -2.06 5.15
CA ASP A 66 -7.78 -1.45 4.35
C ASP A 66 -9.06 -1.28 5.16
N ASP A 67 -9.28 -2.16 6.15
CA ASP A 67 -10.48 -2.07 6.96
C ASP A 67 -10.57 -0.68 7.59
N THR A 68 -9.48 -0.29 8.27
CA THR A 68 -9.41 1.00 8.94
C THR A 68 -9.30 2.14 7.92
N ALA A 69 -8.54 1.95 6.83
CA ALA A 69 -8.37 3.01 5.85
C ALA A 69 -9.74 3.43 5.31
N MET A 70 -10.60 2.44 5.01
CA MET A 70 -11.90 2.74 4.44
C MET A 70 -12.84 3.31 5.49
N ALA A 71 -12.75 2.79 6.72
CA ALA A 71 -13.55 3.32 7.82
C ALA A 71 -13.27 4.81 8.06
N ARG A 72 -11.99 5.20 8.00
CA ARG A 72 -11.60 6.59 8.22
C ARG A 72 -12.11 7.48 7.11
N ALA A 73 -12.00 7.02 5.85
CA ALA A 73 -12.53 7.77 4.72
C ALA A 73 -14.04 7.94 4.82
N LEU A 74 -14.77 6.88 5.19
CA LEU A 74 -16.21 6.97 5.36
C LEU A 74 -16.57 8.05 6.38
N VAL A 75 -15.90 8.02 7.53
CA VAL A 75 -16.17 8.94 8.62
C VAL A 75 -15.76 10.35 8.20
N GLN A 76 -14.62 10.48 7.50
CA GLN A 76 -14.17 11.80 7.06
C GLN A 76 -15.17 12.43 6.09
N SER A 77 -15.79 11.62 5.23
CA SER A 77 -16.85 12.09 4.34
C SER A 77 -18.06 12.60 5.11
N LEU A 78 -18.54 11.81 6.08
CA LEU A 78 -19.71 12.19 6.87
C LEU A 78 -19.44 13.50 7.61
N LEU A 79 -18.24 13.66 8.17
CA LEU A 79 -17.89 14.88 8.89
C LEU A 79 -17.82 16.07 7.95
N ALA A 80 -17.19 15.89 6.77
CA ALA A 80 -17.02 16.97 5.82
C ALA A 80 -18.36 17.51 5.36
N LYS A 81 -19.34 16.61 5.16
CA LYS A 81 -20.62 17.04 4.59
C LYS A 81 -21.72 17.15 5.64
N GLU A 82 -21.49 16.59 6.84
CA GLU A 82 -22.48 16.54 7.90
C GLU A 82 -23.71 15.81 7.37
N ALA A 83 -23.44 14.92 6.42
CA ALA A 83 -24.46 14.21 5.68
C ALA A 83 -23.77 13.13 4.86
N PHE A 84 -24.60 12.26 4.28
CA PHE A 84 -24.16 11.29 3.31
C PHE A 84 -24.17 11.95 1.94
N ASP A 85 -23.04 11.83 1.24
CA ASP A 85 -22.84 12.32 -0.12
C ASP A 85 -22.04 11.27 -0.88
N GLU A 86 -22.70 10.57 -1.82
CA GLU A 86 -22.12 9.41 -2.48
C GLU A 86 -20.90 9.82 -3.29
N VAL A 87 -20.94 10.99 -3.92
CA VAL A 87 -19.85 11.43 -4.77
C VAL A 87 -18.62 11.72 -3.90
N ASP A 88 -18.81 12.48 -2.81
CA ASP A 88 -17.73 12.79 -1.89
C ASP A 88 -17.12 11.52 -1.29
N MET A 89 -17.96 10.58 -0.84
CA MET A 89 -17.47 9.39 -0.17
C MET A 89 -16.73 8.47 -1.14
N ALA A 90 -17.33 8.26 -2.32
CA ALA A 90 -16.70 7.50 -3.39
C ALA A 90 -15.32 8.06 -3.71
N HIS A 91 -15.23 9.39 -3.83
CA HIS A 91 -13.96 10.00 -4.18
C HIS A 91 -12.94 9.81 -3.04
N ARG A 92 -13.39 9.91 -1.80
CA ARG A 92 -12.47 9.75 -0.67
C ARG A 92 -11.92 8.33 -0.61
N PHE A 93 -12.78 7.34 -0.84
CA PHE A 93 -12.36 5.95 -0.90
C PHE A 93 -11.27 5.80 -1.97
N ALA A 94 -11.55 6.31 -3.18
CA ALA A 94 -10.64 6.14 -4.31
C ALA A 94 -9.31 6.85 -4.07
N GLN A 95 -9.36 8.09 -3.58
CA GLN A 95 -8.15 8.86 -3.30
C GLN A 95 -7.32 8.22 -2.17
N GLU A 96 -7.98 7.58 -1.19
CA GLU A 96 -7.30 6.92 -0.10
C GLU A 96 -6.47 5.75 -0.64
N TYR A 97 -7.10 4.94 -1.51
CA TYR A 97 -6.40 3.86 -2.19
C TYR A 97 -5.22 4.37 -2.97
N LYS A 98 -5.43 5.44 -3.74
CA LYS A 98 -4.41 5.96 -4.64
C LYS A 98 -3.14 6.34 -3.88
N LYS A 99 -3.34 7.02 -2.75
CA LYS A 99 -2.28 7.52 -1.88
C LYS A 99 -1.59 6.37 -1.14
N ASP A 100 -2.33 5.31 -0.80
CA ASP A 100 -1.84 4.27 0.09
C ASP A 100 -2.39 2.92 -0.38
N PRO A 101 -1.98 2.45 -1.58
CA PRO A 101 -2.57 1.24 -2.16
C PRO A 101 -2.28 -0.10 -1.49
N ASP A 102 -1.28 -0.18 -0.60
CA ASP A 102 -0.76 -1.47 -0.14
C ASP A 102 -1.41 -1.84 1.20
N ARG A 103 -2.63 -1.39 1.45
CA ARG A 103 -3.25 -1.64 2.74
C ARG A 103 -3.99 -2.97 2.78
N GLY A 104 -4.07 -3.71 1.66
CA GLY A 104 -4.62 -5.06 1.64
C GLY A 104 -5.95 -5.17 0.88
N TYR A 105 -6.18 -4.27 -0.09
CA TYR A 105 -7.40 -4.29 -0.89
C TYR A 105 -7.43 -5.52 -1.81
N GLY A 106 -8.61 -6.11 -2.02
CA GLY A 106 -8.76 -7.15 -3.04
C GLY A 106 -8.72 -6.56 -4.45
N ALA A 107 -8.40 -7.39 -5.46
CA ALA A 107 -8.27 -6.91 -6.83
C ALA A 107 -9.61 -6.39 -7.33
N GLY A 108 -10.72 -6.98 -6.85
CA GLY A 108 -12.05 -6.54 -7.24
C GLY A 108 -12.30 -5.07 -6.88
N VAL A 109 -12.13 -4.71 -5.60
CA VAL A 109 -12.45 -3.36 -5.18
C VAL A 109 -11.47 -2.37 -5.81
N VAL A 110 -10.25 -2.81 -6.10
CA VAL A 110 -9.29 -1.95 -6.80
C VAL A 110 -9.79 -1.59 -8.20
N THR A 111 -10.46 -2.52 -8.90
CA THR A 111 -11.06 -2.22 -10.20
C THR A 111 -12.11 -1.10 -10.05
N VAL A 112 -12.83 -1.11 -8.93
CA VAL A 112 -13.85 -0.12 -8.67
C VAL A 112 -13.20 1.25 -8.46
N PHE A 113 -12.18 1.29 -7.60
CA PHE A 113 -11.43 2.51 -7.34
C PHE A 113 -10.89 3.10 -8.64
N LYS A 114 -10.31 2.28 -9.54
CA LYS A 114 -9.70 2.81 -10.75
C LYS A 114 -10.75 3.51 -11.61
N LYS A 115 -11.95 2.92 -11.67
CA LYS A 115 -13.06 3.53 -12.40
C LYS A 115 -13.48 4.84 -11.72
N LEU A 116 -13.60 4.86 -10.39
CA LEU A 116 -13.99 6.06 -9.67
C LEU A 116 -12.96 7.18 -9.85
N LEU A 117 -11.68 6.84 -10.08
CA LEU A 117 -10.61 7.82 -10.22
C LEU A 117 -10.68 8.47 -11.60
N ASN A 118 -11.34 7.83 -12.56
CA ASN A 118 -11.53 8.43 -13.86
C ASN A 118 -12.44 9.65 -13.70
N PRO A 119 -11.97 10.88 -13.99
CA PRO A 119 -12.79 12.08 -13.81
C PRO A 119 -14.04 12.11 -14.70
N LYS A 120 -14.07 11.23 -15.71
CA LYS A 120 -15.23 11.09 -16.58
C LYS A 120 -16.36 10.33 -15.88
N CYS A 121 -16.06 9.59 -14.81
CA CYS A 121 -17.06 8.79 -14.12
C CYS A 121 -18.03 9.74 -13.41
N ARG A 122 -19.27 9.79 -13.91
CA ARG A 122 -20.32 10.62 -13.33
C ARG A 122 -21.08 9.83 -12.26
N ASP A 123 -21.40 8.56 -12.57
CA ASP A 123 -22.25 7.71 -11.72
C ASP A 123 -21.40 6.81 -10.82
N VAL A 124 -21.26 7.19 -9.55
CA VAL A 124 -20.32 6.53 -8.65
C VAL A 124 -20.82 5.17 -8.18
N PHE A 125 -22.10 4.80 -8.46
CA PHE A 125 -22.60 3.48 -8.09
C PHE A 125 -22.34 2.46 -9.20
N GLU A 126 -22.04 2.91 -10.42
CA GLU A 126 -22.01 2.01 -11.56
C GLU A 126 -20.82 1.05 -11.50
N PRO A 127 -19.60 1.47 -11.09
CA PRO A 127 -18.47 0.52 -10.99
C PRO A 127 -18.75 -0.73 -10.16
N ALA A 128 -19.32 -0.54 -8.95
CA ALA A 128 -19.63 -1.65 -8.07
C ALA A 128 -20.64 -2.61 -8.71
N ARG A 129 -21.58 -2.08 -9.47
CA ARG A 129 -22.62 -2.91 -10.08
C ARG A 129 -22.06 -3.77 -11.20
N ALA A 130 -20.95 -3.34 -11.82
CA ALA A 130 -20.42 -4.08 -12.96
C ALA A 130 -19.70 -5.34 -12.49
N GLN A 131 -19.24 -5.35 -11.24
CA GLN A 131 -18.48 -6.46 -10.68
C GLN A 131 -19.26 -7.76 -10.82
N PHE A 132 -18.51 -8.87 -10.94
CA PHE A 132 -19.03 -10.24 -10.98
C PHE A 132 -20.17 -10.34 -11.98
N ASN A 133 -19.84 -10.04 -13.25
CA ASN A 133 -20.74 -10.18 -14.38
C ASN A 133 -22.05 -9.44 -14.12
N GLY A 134 -21.96 -8.29 -13.44
CA GLY A 134 -23.12 -7.42 -13.27
C GLY A 134 -23.93 -7.73 -12.03
N LYS A 135 -23.44 -8.61 -11.15
CA LYS A 135 -24.20 -9.05 -9.98
C LYS A 135 -23.69 -8.39 -8.70
N GLY A 136 -22.48 -7.80 -8.75
CA GLY A 136 -21.87 -7.11 -7.63
C GLY A 136 -21.17 -8.09 -6.69
N SER A 137 -20.31 -7.54 -5.83
CA SER A 137 -19.57 -8.33 -4.85
C SER A 137 -20.42 -8.55 -3.60
N TYR A 138 -20.37 -9.76 -3.02
CA TYR A 138 -20.96 -10.02 -1.72
C TYR A 138 -19.90 -10.03 -0.62
N GLY A 139 -18.75 -9.39 -0.87
CA GLY A 139 -17.69 -9.33 0.13
C GLY A 139 -18.07 -8.48 1.34
N ASN A 140 -17.24 -8.57 2.40
CA ASN A 140 -17.50 -7.95 3.69
C ASN A 140 -16.92 -6.55 3.75
N GLY A 141 -16.40 -6.05 2.63
CA GLY A 141 -15.79 -4.72 2.57
C GLY A 141 -16.77 -3.59 2.90
N GLY A 142 -18.04 -3.72 2.51
CA GLY A 142 -19.06 -2.74 2.87
C GLY A 142 -19.31 -2.67 4.38
N ALA A 143 -19.27 -3.84 5.04
CA ALA A 143 -19.53 -3.95 6.47
C ALA A 143 -18.33 -3.56 7.31
N MET A 144 -17.12 -3.85 6.83
CA MET A 144 -15.92 -3.70 7.63
C MET A 144 -15.70 -2.24 8.01
N ARG A 145 -16.26 -1.32 7.23
CA ARG A 145 -16.04 0.12 7.40
C ARG A 145 -17.29 0.84 7.91
N VAL A 146 -18.39 0.13 8.16
CA VAL A 146 -19.68 0.78 8.27
C VAL A 146 -19.97 1.37 9.66
N ALA A 147 -19.13 1.11 10.67
CA ALA A 147 -19.52 1.49 12.04
C ALA A 147 -19.85 2.98 12.14
N GLY A 148 -19.09 3.81 11.42
CA GLY A 148 -19.29 5.26 11.48
C GLY A 148 -20.71 5.69 11.11
N ILE A 149 -21.39 4.90 10.28
CA ILE A 149 -22.77 5.17 9.93
C ILE A 149 -23.63 5.17 11.19
N SER A 150 -23.39 4.20 12.07
CA SER A 150 -24.22 4.07 13.27
C SER A 150 -23.88 5.13 14.31
N LEU A 151 -22.67 5.69 14.24
CA LEU A 151 -22.29 6.85 15.02
C LEU A 151 -22.98 8.13 14.52
N ALA A 152 -23.06 8.30 13.20
CA ALA A 152 -23.66 9.51 12.64
C ALA A 152 -25.18 9.50 12.77
N TYR A 153 -25.80 8.33 12.61
CA TYR A 153 -27.25 8.27 12.54
C TYR A 153 -27.85 7.48 13.68
N SER A 154 -28.83 8.08 14.37
CA SER A 154 -29.42 7.45 15.54
C SER A 154 -30.60 6.53 15.18
N SER A 155 -31.39 6.84 14.16
CA SER A 155 -32.60 6.07 13.89
C SER A 155 -32.26 4.80 13.10
N VAL A 156 -32.98 3.70 13.41
CA VAL A 156 -32.91 2.47 12.63
C VAL A 156 -33.09 2.76 11.16
N GLN A 157 -34.06 3.63 10.83
CA GLN A 157 -34.38 3.92 9.44
C GLN A 157 -33.14 4.48 8.74
N ASP A 158 -32.47 5.46 9.36
CA ASP A 158 -31.32 6.10 8.74
C ASP A 158 -30.12 5.14 8.69
N VAL A 159 -29.91 4.36 9.75
CA VAL A 159 -28.82 3.41 9.79
C VAL A 159 -28.94 2.47 8.59
N GLN A 160 -30.15 1.93 8.37
CA GLN A 160 -30.36 1.02 7.25
C GLN A 160 -30.08 1.69 5.91
N LYS A 161 -30.62 2.91 5.74
CA LYS A 161 -30.56 3.60 4.47
C LYS A 161 -29.10 3.89 4.11
N PHE A 162 -28.32 4.36 5.08
CA PHE A 162 -26.98 4.86 4.78
C PHE A 162 -25.95 3.75 4.91
N ALA A 163 -26.22 2.70 5.69
CA ALA A 163 -25.38 1.52 5.65
C ALA A 163 -25.48 0.92 4.23
N ARG A 164 -26.70 0.89 3.69
CA ARG A 164 -26.90 0.34 2.35
C ARG A 164 -26.16 1.18 1.30
N LEU A 165 -26.40 2.48 1.29
CA LEU A 165 -25.83 3.37 0.28
C LEU A 165 -24.31 3.37 0.38
N SER A 166 -23.76 3.50 1.59
CA SER A 166 -22.32 3.51 1.73
C SER A 166 -21.73 2.19 1.25
N ALA A 167 -22.41 1.08 1.58
CA ALA A 167 -21.91 -0.22 1.15
C ALA A 167 -21.92 -0.36 -0.37
N GLN A 168 -22.96 0.18 -1.01
CA GLN A 168 -23.22 -0.08 -2.42
C GLN A 168 -22.17 0.63 -3.30
N LEU A 169 -21.40 1.54 -2.72
CA LEU A 169 -20.31 2.17 -3.46
C LEU A 169 -19.24 1.14 -3.87
N THR A 170 -19.13 0.01 -3.15
CA THR A 170 -18.19 -1.04 -3.53
C THR A 170 -18.84 -2.42 -3.61
N HIS A 171 -19.98 -2.63 -2.92
CA HIS A 171 -20.58 -3.95 -2.80
C HIS A 171 -22.06 -3.90 -3.18
N ALA A 172 -22.39 -4.25 -4.43
CA ALA A 172 -23.71 -4.00 -4.99
C ALA A 172 -24.63 -5.22 -4.93
N SER A 173 -24.09 -6.39 -4.57
CA SER A 173 -24.90 -7.55 -4.26
C SER A 173 -25.64 -7.32 -2.95
N SER A 174 -26.94 -7.67 -2.88
CA SER A 174 -27.65 -7.61 -1.61
C SER A 174 -26.99 -8.46 -0.54
N LEU A 175 -26.28 -9.54 -0.92
CA LEU A 175 -25.58 -10.36 0.06
C LEU A 175 -24.45 -9.56 0.69
N GLY A 176 -23.85 -8.64 -0.08
CA GLY A 176 -22.87 -7.71 0.45
C GLY A 176 -23.50 -6.58 1.27
N TYR A 177 -24.48 -5.85 0.70
CA TYR A 177 -24.93 -4.64 1.39
C TYR A 177 -25.86 -4.98 2.56
N ASN A 178 -26.55 -6.13 2.53
CA ASN A 178 -27.34 -6.54 3.68
C ASN A 178 -26.44 -6.92 4.85
N GLY A 179 -25.23 -7.43 4.55
CA GLY A 179 -24.27 -7.70 5.62
C GLY A 179 -23.81 -6.40 6.29
N ALA A 180 -23.62 -5.37 5.47
CA ALA A 180 -23.28 -4.05 5.97
C ALA A 180 -24.40 -3.49 6.83
N ILE A 181 -25.66 -3.70 6.45
CA ILE A 181 -26.78 -3.22 7.25
C ILE A 181 -26.82 -3.94 8.58
N LEU A 182 -26.59 -5.27 8.54
CA LEU A 182 -26.63 -6.08 9.75
C LEU A 182 -25.56 -5.60 10.73
N GLN A 183 -24.33 -5.41 10.25
CA GLN A 183 -23.24 -4.91 11.07
C GLN A 183 -23.57 -3.53 11.62
N ALA A 184 -24.13 -2.62 10.80
CA ALA A 184 -24.47 -1.28 11.26
C ALA A 184 -25.56 -1.32 12.32
N LEU A 185 -26.55 -2.21 12.13
CA LEU A 185 -27.59 -2.42 13.12
C LEU A 185 -27.03 -2.95 14.44
N ALA A 186 -26.06 -3.87 14.39
CA ALA A 186 -25.43 -4.40 15.59
C ALA A 186 -24.74 -3.27 16.38
N VAL A 187 -24.06 -2.35 15.68
CA VAL A 187 -23.39 -1.23 16.32
C VAL A 187 -24.43 -0.28 16.90
N HIS A 188 -25.50 -0.04 16.12
CA HIS A 188 -26.63 0.78 16.54
C HIS A 188 -27.17 0.31 17.88
N LEU A 189 -27.43 -1.00 17.99
CA LEU A 189 -27.94 -1.60 19.22
C LEU A 189 -26.92 -1.48 20.37
N ALA A 190 -25.67 -1.81 20.11
CA ALA A 190 -24.63 -1.77 21.14
C ALA A 190 -24.48 -0.37 21.72
N LEU A 191 -24.67 0.68 20.91
CA LEU A 191 -24.56 2.05 21.40
C LEU A 191 -25.67 2.38 22.39
N GLN A 192 -26.72 1.55 22.42
CA GLN A 192 -27.86 1.76 23.31
C GLN A 192 -27.57 1.21 24.70
N GLY A 193 -26.55 0.36 24.82
CA GLY A 193 -26.11 -0.11 26.12
C GLY A 193 -26.78 -1.41 26.53
N GLU A 194 -26.88 -1.63 27.83
CA GLU A 194 -27.04 -2.96 28.43
C GLU A 194 -28.27 -3.67 27.84
N SER A 195 -28.08 -4.93 27.44
CA SER A 195 -29.11 -5.74 26.83
C SER A 195 -28.86 -7.21 27.15
N SER A 196 -29.92 -8.02 27.19
CA SER A 196 -29.74 -9.47 27.11
C SER A 196 -29.21 -9.83 25.73
N SER A 197 -28.49 -10.94 25.65
CA SER A 197 -28.06 -11.45 24.36
C SER A 197 -29.29 -11.82 23.53
N GLU A 198 -30.32 -12.33 24.21
CA GLU A 198 -31.55 -12.74 23.55
C GLU A 198 -32.23 -11.55 22.88
N HIS A 199 -32.38 -10.43 23.61
CA HIS A 199 -33.04 -9.24 23.10
C HIS A 199 -32.26 -8.64 21.93
N PHE A 200 -30.93 -8.58 22.06
CA PHE A 200 -30.06 -8.06 21.01
C PHE A 200 -30.28 -8.87 19.73
N LEU A 201 -30.23 -10.20 19.87
CA LEU A 201 -30.33 -11.07 18.71
C LEU A 201 -31.73 -10.96 18.09
N LYS A 202 -32.77 -10.95 18.93
CA LYS A 202 -34.14 -10.88 18.45
C LYS A 202 -34.38 -9.60 17.64
N GLN A 203 -33.81 -8.48 18.10
CA GLN A 203 -33.94 -7.20 17.43
C GLN A 203 -33.32 -7.25 16.03
N LEU A 204 -32.12 -7.84 15.94
CA LEU A 204 -31.42 -7.96 14.66
C LEU A 204 -32.23 -8.85 13.71
N LEU A 205 -32.79 -9.95 14.25
CA LEU A 205 -33.48 -10.95 13.45
C LEU A 205 -34.70 -10.31 12.80
N GLY A 206 -35.47 -9.56 13.59
CA GLY A 206 -36.65 -8.86 13.11
C GLY A 206 -36.33 -7.96 11.93
N HIS A 207 -35.26 -7.16 12.07
CA HIS A 207 -34.84 -6.23 11.02
C HIS A 207 -34.43 -6.97 9.74
N MET A 208 -33.68 -8.05 9.90
CA MET A 208 -33.22 -8.79 8.73
C MET A 208 -34.38 -9.50 8.05
N GLU A 209 -35.35 -9.98 8.83
CA GLU A 209 -36.49 -10.68 8.28
C GLU A 209 -37.28 -9.72 7.39
N ASP A 210 -37.32 -8.44 7.78
CA ASP A 210 -38.04 -7.41 7.05
C ASP A 210 -37.29 -7.09 5.75
N LEU A 211 -35.97 -7.00 5.79
CA LEU A 211 -35.16 -6.69 4.62
C LEU A 211 -35.19 -7.83 3.62
N GLU A 212 -35.16 -9.06 4.12
CA GLU A 212 -35.03 -10.22 3.26
C GLU A 212 -36.39 -10.62 2.70
N GLY A 213 -37.43 -9.83 3.06
CA GLY A 213 -38.73 -9.93 2.42
C GLY A 213 -38.73 -9.31 1.01
N ASP A 214 -37.81 -8.39 0.74
CA ASP A 214 -37.74 -7.70 -0.55
C ASP A 214 -37.52 -8.71 -1.67
N ALA A 215 -38.19 -8.50 -2.81
CA ALA A 215 -38.19 -9.46 -3.91
C ALA A 215 -36.80 -9.64 -4.51
N GLN A 216 -36.04 -8.55 -4.63
CA GLN A 216 -34.69 -8.59 -5.18
C GLN A 216 -33.77 -9.42 -4.28
N SER A 217 -33.82 -9.16 -2.97
CA SER A 217 -33.07 -9.96 -2.01
C SER A 217 -33.38 -11.45 -2.18
N VAL A 218 -34.64 -11.78 -2.43
CA VAL A 218 -35.07 -13.17 -2.50
C VAL A 218 -34.46 -13.81 -3.75
N LEU A 219 -34.38 -13.04 -4.85
CA LEU A 219 -33.87 -13.55 -6.12
C LEU A 219 -32.36 -13.72 -6.05
N ASP A 220 -31.68 -12.77 -5.39
CA ASP A 220 -30.24 -12.77 -5.24
C ASP A 220 -29.78 -14.03 -4.51
N ALA A 221 -30.46 -14.36 -3.40
CA ALA A 221 -30.20 -15.57 -2.64
C ALA A 221 -30.41 -16.81 -3.49
N ARG A 222 -31.56 -16.86 -4.17
CA ARG A 222 -31.99 -18.03 -4.94
C ARG A 222 -30.94 -18.39 -6.00
N GLU A 223 -30.41 -17.37 -6.70
CA GLU A 223 -29.38 -17.55 -7.70
C GLU A 223 -28.16 -18.29 -7.14
N LEU A 224 -27.82 -18.03 -5.87
CA LEU A 224 -26.61 -18.56 -5.26
C LEU A 224 -26.87 -19.89 -4.55
N GLY A 225 -28.11 -20.39 -4.62
CA GLY A 225 -28.48 -21.65 -4.01
C GLY A 225 -28.59 -21.56 -2.48
N MET A 226 -28.78 -20.34 -1.96
CA MET A 226 -28.80 -20.10 -0.52
C MET A 226 -30.23 -20.23 -0.02
N GLU A 227 -30.40 -20.27 1.32
CA GLU A 227 -31.70 -20.18 1.95
C GLU A 227 -32.38 -18.87 1.52
N GLU A 228 -33.72 -18.85 1.55
CA GLU A 228 -34.52 -17.73 1.04
C GLU A 228 -34.17 -16.43 1.74
N ARG A 229 -33.88 -16.52 3.05
CA ARG A 229 -33.58 -15.38 3.89
C ARG A 229 -32.25 -15.67 4.59
N PRO A 230 -31.09 -15.44 3.92
CA PRO A 230 -29.79 -15.94 4.38
C PRO A 230 -29.30 -15.44 5.74
N TYR A 231 -29.41 -14.12 5.95
CA TYR A 231 -28.95 -13.52 7.20
C TYR A 231 -29.90 -13.91 8.33
N SER A 232 -31.21 -13.92 8.03
CA SER A 232 -32.21 -14.36 8.98
C SER A 232 -31.91 -15.79 9.43
N SER A 233 -31.62 -16.68 8.48
CA SER A 233 -31.37 -18.07 8.84
C SER A 233 -30.07 -18.16 9.66
N ARG A 234 -29.07 -17.32 9.35
CA ARG A 234 -27.80 -17.36 10.05
C ARG A 234 -27.96 -16.82 11.48
N LEU A 235 -28.81 -15.79 11.68
CA LEU A 235 -29.06 -15.27 13.02
C LEU A 235 -29.80 -16.31 13.87
N LYS A 236 -30.69 -17.08 13.23
CA LYS A 236 -31.38 -18.18 13.90
C LYS A 236 -30.36 -19.21 14.37
N LYS A 237 -29.39 -19.53 13.51
CA LYS A 237 -28.32 -20.46 13.86
C LYS A 237 -27.51 -19.90 15.04
N ILE A 238 -27.28 -18.60 15.06
CA ILE A 238 -26.57 -17.98 16.17
C ILE A 238 -27.31 -18.24 17.49
N GLY A 239 -28.64 -18.06 17.49
CA GLY A 239 -29.46 -18.35 18.65
C GLY A 239 -29.32 -19.80 19.13
N GLU A 240 -29.32 -20.75 18.17
CA GLU A 240 -29.13 -22.17 18.48
C GLU A 240 -27.73 -22.42 19.07
N LEU A 241 -26.69 -21.82 18.46
CA LEU A 241 -25.32 -21.97 18.91
C LEU A 241 -25.12 -21.46 20.34
N LEU A 242 -25.79 -20.37 20.69
CA LEU A 242 -25.65 -19.78 22.01
C LEU A 242 -26.27 -20.68 23.08
N ASP A 243 -27.16 -21.60 22.67
CA ASP A 243 -27.81 -22.53 23.58
C ASP A 243 -27.11 -23.89 23.61
N GLN A 244 -26.05 -24.05 22.81
CA GLN A 244 -25.47 -25.36 22.59
C GLN A 244 -24.33 -25.58 23.59
N ALA A 245 -24.23 -26.80 24.09
CA ALA A 245 -23.17 -27.19 25.00
C ALA A 245 -21.84 -27.36 24.26
N SER A 246 -20.76 -26.88 24.89
CA SER A 246 -19.39 -27.18 24.51
C SER A 246 -19.15 -26.85 23.04
N VAL A 247 -19.51 -25.64 22.65
CA VAL A 247 -19.27 -25.14 21.31
C VAL A 247 -17.78 -24.82 21.16
N THR A 248 -17.12 -25.49 20.21
CA THR A 248 -15.72 -25.27 19.88
C THR A 248 -15.60 -24.22 18.77
N ARG A 249 -14.41 -23.61 18.71
CA ARG A 249 -14.11 -22.59 17.70
C ARG A 249 -14.34 -23.16 16.31
N GLU A 250 -14.04 -24.46 16.14
CA GLU A 250 -14.18 -25.11 14.84
C GLU A 250 -15.66 -25.23 14.47
N GLU A 251 -16.53 -25.56 15.45
CA GLU A 251 -17.97 -25.70 15.20
C GLU A 251 -18.56 -24.35 14.84
N VAL A 252 -18.02 -23.28 15.43
CA VAL A 252 -18.48 -21.94 15.10
C VAL A 252 -18.16 -21.66 13.63
N VAL A 253 -16.89 -21.83 13.26
CA VAL A 253 -16.43 -21.59 11.90
C VAL A 253 -17.25 -22.45 10.94
N SER A 254 -17.41 -23.72 11.32
CA SER A 254 -18.17 -24.70 10.54
C SER A 254 -19.57 -24.19 10.22
N GLU A 255 -20.28 -23.66 11.22
CA GLU A 255 -21.68 -23.28 11.06
C GLU A 255 -21.86 -21.86 10.55
N LEU A 256 -20.95 -20.92 10.88
CA LEU A 256 -21.13 -19.52 10.54
C LEU A 256 -20.11 -19.03 9.52
N GLY A 257 -18.91 -19.63 9.48
CA GLY A 257 -17.89 -19.25 8.52
C GLY A 257 -16.89 -18.27 9.11
N ASN A 258 -15.75 -18.12 8.44
CA ASN A 258 -14.76 -17.13 8.84
C ASN A 258 -14.14 -16.51 7.59
N GLY A 259 -14.97 -16.31 6.55
CA GLY A 259 -14.46 -15.94 5.24
C GLY A 259 -14.66 -14.47 4.92
N ILE A 260 -14.35 -14.10 3.67
CA ILE A 260 -14.39 -12.72 3.19
C ILE A 260 -15.78 -12.37 2.71
N ALA A 261 -16.64 -13.35 2.43
CA ALA A 261 -18.04 -13.05 2.15
C ALA A 261 -18.69 -12.46 3.40
N ALA A 262 -19.52 -11.44 3.20
CA ALA A 262 -20.22 -10.77 4.30
C ALA A 262 -21.06 -11.79 5.09
N PHE A 263 -21.65 -12.79 4.40
CA PHE A 263 -22.49 -13.81 4.99
CA PHE A 263 -22.50 -13.73 5.08
C PHE A 263 -21.67 -14.74 5.88
N GLU A 264 -20.37 -14.85 5.60
CA GLU A 264 -19.52 -15.76 6.33
C GLU A 264 -18.63 -15.02 7.32
N SER A 265 -18.94 -13.76 7.62
CA SER A 265 -18.11 -12.98 8.54
C SER A 265 -18.95 -12.07 9.43
N VAL A 266 -20.02 -11.44 8.92
CA VAL A 266 -20.75 -10.48 9.74
C VAL A 266 -21.49 -11.23 10.86
N PRO A 267 -22.28 -12.29 10.57
CA PRO A 267 -22.91 -13.08 11.63
C PRO A 267 -21.89 -13.64 12.62
N THR A 268 -20.74 -14.08 12.12
CA THR A 268 -19.67 -14.59 12.97
C THR A 268 -19.20 -13.54 13.99
N ALA A 269 -18.97 -12.31 13.52
CA ALA A 269 -18.57 -11.20 14.38
C ALA A 269 -19.62 -10.92 15.46
N ILE A 270 -20.90 -10.96 15.07
CA ILE A 270 -21.98 -10.75 16.01
C ILE A 270 -22.00 -11.89 17.03
N TYR A 271 -21.86 -13.14 16.58
CA TYR A 271 -21.76 -14.27 17.49
C TYR A 271 -20.62 -14.06 18.52
N CYS A 272 -19.45 -13.62 18.05
CA CYS A 272 -18.32 -13.39 18.95
C CYS A 272 -18.70 -12.40 20.05
N PHE A 273 -19.34 -11.30 19.65
CA PHE A 273 -19.78 -10.29 20.62
C PHE A 273 -20.73 -10.92 21.64
N LEU A 274 -21.75 -11.63 21.15
CA LEU A 274 -22.80 -12.14 22.02
C LEU A 274 -22.23 -13.19 22.98
N ARG A 275 -21.47 -14.15 22.42
CA ARG A 275 -20.86 -15.21 23.20
C ARG A 275 -20.01 -14.64 24.34
N CYS A 276 -19.21 -13.64 24.02
CA CYS A 276 -18.23 -13.08 24.95
C CYS A 276 -18.83 -12.06 25.92
N MET A 277 -20.15 -11.86 25.90
CA MET A 277 -20.81 -11.12 26.96
C MET A 277 -20.65 -11.83 28.30
N GLU A 278 -20.49 -13.15 28.24
CA GLU A 278 -20.29 -13.97 29.42
C GLU A 278 -18.83 -14.36 29.54
N PRO A 279 -18.34 -14.51 30.80
CA PRO A 279 -17.01 -15.05 31.06
C PRO A 279 -16.82 -16.38 30.36
N ASP A 280 -15.62 -16.58 29.82
CA ASP A 280 -15.18 -17.85 29.29
C ASP A 280 -13.98 -18.33 30.10
N PRO A 281 -14.04 -19.49 30.80
CA PRO A 281 -12.88 -20.06 31.49
C PRO A 281 -11.63 -20.24 30.62
N GLU A 282 -11.80 -20.41 29.30
CA GLU A 282 -10.71 -20.64 28.37
C GLU A 282 -9.87 -19.38 28.11
N ILE A 283 -10.44 -18.18 28.33
CA ILE A 283 -9.68 -16.95 28.24
C ILE A 283 -9.52 -16.42 29.66
N PRO A 284 -8.26 -16.19 30.14
CA PRO A 284 -8.03 -15.75 31.53
C PRO A 284 -8.97 -14.63 31.94
N SER A 285 -9.50 -14.73 33.17
CA SER A 285 -10.49 -13.76 33.63
C SER A 285 -9.91 -12.35 33.76
N ALA A 286 -8.57 -12.22 33.76
CA ALA A 286 -7.90 -10.93 33.85
C ALA A 286 -8.24 -10.03 32.66
N PHE A 287 -8.52 -10.63 31.50
CA PHE A 287 -8.94 -9.87 30.33
C PHE A 287 -10.37 -9.38 30.55
N ASN A 288 -10.63 -8.13 30.16
CA ASN A 288 -11.97 -7.57 30.24
C ASN A 288 -12.80 -8.09 29.07
N SER A 289 -14.06 -7.65 29.02
CA SER A 289 -15.02 -8.16 28.04
C SER A 289 -14.65 -7.77 26.60
N LEU A 290 -14.16 -6.55 26.40
CA LEU A 290 -13.70 -6.15 25.07
C LEU A 290 -12.50 -7.00 24.64
N GLN A 291 -11.53 -7.13 25.53
CA GLN A 291 -10.31 -7.88 25.22
C GLN A 291 -10.68 -9.31 24.88
N ARG A 292 -11.56 -9.90 25.71
CA ARG A 292 -12.00 -11.27 25.51
C ARG A 292 -12.65 -11.44 24.13
N THR A 293 -13.49 -10.49 23.72
CA THR A 293 -14.17 -10.53 22.42
C THR A 293 -13.15 -10.51 21.27
N LEU A 294 -12.14 -9.65 21.39
CA LEU A 294 -11.12 -9.49 20.37
C LEU A 294 -10.27 -10.77 20.28
N ILE A 295 -9.86 -11.29 21.44
CA ILE A 295 -9.06 -12.50 21.48
C ILE A 295 -9.86 -13.66 20.88
N TYR A 296 -11.13 -13.80 21.30
CA TYR A 296 -11.95 -14.89 20.81
C TYR A 296 -12.12 -14.79 19.29
N SER A 297 -12.46 -13.61 18.78
CA SER A 297 -12.74 -13.46 17.36
C SER A 297 -11.48 -13.78 16.53
N ILE A 298 -10.31 -13.30 16.97
CA ILE A 298 -9.07 -13.55 16.23
C ILE A 298 -8.75 -15.03 16.23
N SER A 299 -9.08 -15.74 17.32
CA SER A 299 -8.81 -17.16 17.46
C SER A 299 -9.65 -18.02 16.51
N LEU A 300 -10.60 -17.42 15.78
CA LEU A 300 -11.42 -18.17 14.83
C LEU A 300 -10.66 -18.39 13.51
N GLY A 301 -9.65 -17.58 13.24
CA GLY A 301 -8.87 -17.66 12.01
C GLY A 301 -9.64 -17.12 10.82
N GLY A 302 -9.13 -17.41 9.61
CA GLY A 302 -9.72 -16.90 8.37
C GLY A 302 -9.49 -15.39 8.24
N ASP A 303 -10.56 -14.66 7.93
CA ASP A 303 -10.47 -13.22 7.78
C ASP A 303 -10.53 -12.57 9.18
N THR A 304 -9.45 -12.77 9.96
CA THR A 304 -9.38 -12.39 11.36
C THR A 304 -9.48 -10.87 11.47
N ASP A 305 -8.87 -10.21 10.50
CA ASP A 305 -8.77 -8.78 10.52
C ASP A 305 -10.17 -8.15 10.44
N THR A 306 -11.03 -8.65 9.55
CA THR A 306 -12.34 -8.04 9.36
C THR A 306 -13.32 -8.53 10.43
N ILE A 307 -13.23 -9.81 10.81
CA ILE A 307 -14.11 -10.35 11.84
C ILE A 307 -13.84 -9.64 13.16
N ALA A 308 -12.56 -9.45 13.47
CA ALA A 308 -12.17 -8.79 14.71
C ALA A 308 -12.50 -7.30 14.65
N THR A 309 -12.35 -6.65 13.49
CA THR A 309 -12.70 -5.25 13.33
CA THR A 309 -12.68 -5.22 13.43
C THR A 309 -14.18 -5.07 13.66
N MET A 310 -14.99 -6.00 13.16
CA MET A 310 -16.43 -5.85 13.28
C MET A 310 -16.89 -6.18 14.69
N ALA A 311 -16.36 -7.27 15.25
CA ALA A 311 -16.69 -7.64 16.61
C ALA A 311 -16.22 -6.52 17.58
N GLY A 312 -15.04 -5.97 17.28
CA GLY A 312 -14.49 -4.88 18.07
C GLY A 312 -15.34 -3.61 18.04
N ALA A 313 -15.89 -3.26 16.89
CA ALA A 313 -16.78 -2.11 16.80
C ALA A 313 -17.99 -2.31 17.69
N ILE A 314 -18.60 -3.50 17.64
CA ILE A 314 -19.79 -3.76 18.42
C ILE A 314 -19.45 -3.72 19.90
N ALA A 315 -18.42 -4.48 20.29
CA ALA A 315 -18.01 -4.59 21.68
C ALA A 315 -17.60 -3.23 22.24
N GLY A 316 -16.88 -2.44 21.44
CA GLY A 316 -16.42 -1.15 21.90
C GLY A 316 -17.55 -0.16 22.15
N ALA A 317 -18.57 -0.21 21.29
CA ALA A 317 -19.79 0.57 21.47
C ALA A 317 -20.54 0.17 22.73
N TYR A 318 -20.52 -1.13 23.02
CA TYR A 318 -21.26 -1.70 24.13
C TYR A 318 -20.54 -1.47 25.47
N TYR A 319 -19.22 -1.70 25.49
CA TYR A 319 -18.45 -1.67 26.72
C TYR A 319 -17.88 -0.28 26.98
N GLY A 320 -17.62 0.46 25.91
CA GLY A 320 -17.15 1.83 26.03
C GLY A 320 -15.64 1.94 26.22
N MET A 321 -15.15 3.18 26.23
CA MET A 321 -13.74 3.49 26.19
C MET A 321 -13.03 3.01 27.47
N ASP A 322 -13.74 2.90 28.59
CA ASP A 322 -13.14 2.41 29.82
C ASP A 322 -12.61 0.99 29.67
N GLN A 323 -13.09 0.23 28.69
CA GLN A 323 -12.59 -1.13 28.49
C GLN A 323 -11.53 -1.18 27.40
N VAL A 324 -11.16 -0.01 26.86
CA VAL A 324 -10.09 0.04 25.87
C VAL A 324 -8.79 0.22 26.64
N PRO A 325 -7.93 -0.83 26.73
CA PRO A 325 -6.68 -0.72 27.48
C PRO A 325 -5.73 0.22 26.74
N GLU A 326 -5.17 1.17 27.46
CA GLU A 326 -4.32 2.17 26.83
C GLU A 326 -3.12 1.49 26.17
N SER A 327 -2.57 0.43 26.78
CA SER A 327 -1.40 -0.21 26.19
C SER A 327 -1.75 -0.85 24.84
N TRP A 328 -2.97 -1.39 24.69
CA TRP A 328 -3.38 -1.94 23.42
C TRP A 328 -3.63 -0.82 22.40
N GLN A 329 -4.42 0.18 22.80
CA GLN A 329 -4.79 1.29 21.94
C GLN A 329 -3.54 1.98 21.37
N GLN A 330 -2.52 2.18 22.22
CA GLN A 330 -1.34 2.94 21.86
C GLN A 330 -0.39 2.14 20.97
N SER A 331 -0.65 0.83 20.80
CA SER A 331 0.13 -0.03 19.92
C SER A 331 -0.34 0.11 18.46
N CYS A 332 -1.49 0.75 18.25
CA CYS A 332 -2.14 0.80 16.96
C CYS A 332 -1.82 2.10 16.22
N GLU A 333 -1.37 1.93 14.96
CA GLU A 333 -1.16 3.06 14.05
C GLU A 333 -2.42 3.91 13.98
N GLY A 334 -2.26 5.23 14.20
CA GLY A 334 -3.33 6.19 14.03
C GLY A 334 -4.37 6.19 15.14
N TYR A 335 -4.07 5.67 16.35
CA TYR A 335 -5.08 5.58 17.39
C TYR A 335 -5.60 6.98 17.79
N GLU A 336 -4.73 7.99 17.76
CA GLU A 336 -5.12 9.35 18.12
C GLU A 336 -6.08 9.90 17.07
N GLU A 337 -5.75 9.73 15.79
CA GLU A 337 -6.63 10.18 14.72
C GLU A 337 -7.98 9.49 14.82
N THR A 338 -7.97 8.17 15.00
CA THR A 338 -9.21 7.44 15.21
C THR A 338 -10.02 8.03 16.36
N ASP A 339 -9.38 8.30 17.50
CA ASP A 339 -10.09 8.87 18.63
C ASP A 339 -10.69 10.24 18.30
N ILE A 340 -9.93 11.09 17.61
CA ILE A 340 -10.39 12.41 17.23
C ILE A 340 -11.63 12.30 16.34
N LEU A 341 -11.60 11.35 15.41
CA LEU A 341 -12.73 11.17 14.51
C LEU A 341 -13.97 10.78 15.31
N ALA A 342 -13.80 9.94 16.34
CA ALA A 342 -14.93 9.49 17.13
C ALA A 342 -15.55 10.67 17.90
N GLN A 343 -14.72 11.51 18.50
CA GLN A 343 -15.20 12.65 19.27
C GLN A 343 -15.89 13.65 18.33
N SER A 344 -15.32 13.84 17.13
CA SER A 344 -15.92 14.73 16.15
C SER A 344 -17.29 14.20 15.72
N LEU A 345 -17.40 12.88 15.51
CA LEU A 345 -18.70 12.31 15.16
C LEU A 345 -19.72 12.63 16.26
N HIS A 346 -19.32 12.48 17.53
CA HIS A 346 -20.20 12.77 18.65
C HIS A 346 -20.63 14.24 18.67
N ARG A 347 -19.67 15.17 18.52
CA ARG A 347 -19.95 16.59 18.53
C ARG A 347 -20.91 16.96 17.40
N VAL A 348 -20.65 16.42 16.20
CA VAL A 348 -21.37 16.84 15.01
C VAL A 348 -22.75 16.20 14.99
N PHE A 349 -22.83 14.91 15.28
CA PHE A 349 -24.06 14.15 15.06
C PHE A 349 -24.82 13.78 16.35
N GLN A 350 -24.18 13.89 17.53
CA GLN A 350 -24.86 13.54 18.78
C GLN A 350 -24.68 14.68 19.80
N LYS A 351 -24.87 15.92 19.34
CA LYS A 351 -24.61 17.08 20.18
C LYS A 351 -25.68 17.16 21.28
N ALA B 3 26.33 -17.16 -14.64
CA ALA B 3 25.55 -16.24 -13.77
C ALA B 3 26.44 -15.11 -13.26
N GLY B 4 27.70 -15.44 -12.95
CA GLY B 4 28.63 -14.47 -12.43
C GLY B 4 29.26 -13.60 -13.52
N ALA B 5 29.25 -14.07 -14.77
CA ALA B 5 29.97 -13.37 -15.82
C ALA B 5 29.36 -11.98 -16.02
N ALA B 6 30.18 -11.03 -16.50
CA ALA B 6 29.69 -9.71 -16.84
C ALA B 6 28.53 -9.84 -17.81
N ARG B 7 27.46 -9.08 -17.54
CA ARG B 7 26.32 -8.94 -18.44
C ARG B 7 25.61 -10.28 -18.65
N SER B 8 25.66 -11.15 -17.64
CA SER B 8 24.96 -12.44 -17.68
C SER B 8 23.46 -12.23 -17.64
N LEU B 9 22.72 -13.30 -17.98
CA LEU B 9 21.27 -13.31 -17.84
C LEU B 9 20.85 -13.05 -16.39
N SER B 10 21.56 -13.67 -15.44
CA SER B 10 21.24 -13.49 -14.03
C SER B 10 21.35 -12.02 -13.62
N ARG B 11 22.40 -11.32 -14.11
CA ARG B 11 22.57 -9.91 -13.81
C ARG B 11 21.47 -9.03 -14.40
N PHE B 12 21.04 -9.34 -15.62
CA PHE B 12 19.97 -8.60 -16.28
C PHE B 12 18.67 -8.79 -15.49
N ARG B 13 18.34 -10.05 -15.18
CA ARG B 13 17.17 -10.35 -14.37
C ARG B 13 17.27 -9.70 -13.00
N GLY B 14 18.43 -9.82 -12.36
CA GLY B 14 18.60 -9.25 -11.02
C GLY B 14 18.43 -7.73 -11.00
N CYS B 15 18.93 -7.08 -12.06
CA CYS B 15 18.85 -5.63 -12.20
C CYS B 15 17.38 -5.17 -12.19
N LEU B 16 16.54 -5.75 -13.06
CA LEU B 16 15.18 -5.24 -13.16
C LEU B 16 14.35 -5.69 -11.95
N ALA B 17 14.66 -6.86 -11.39
CA ALA B 17 13.99 -7.31 -10.17
C ALA B 17 14.34 -6.40 -9.00
N GLY B 18 15.63 -6.03 -8.90
CA GLY B 18 16.11 -5.09 -7.90
C GLY B 18 15.40 -3.74 -7.96
N ALA B 19 15.26 -3.20 -9.18
CA ALA B 19 14.54 -1.95 -9.39
C ALA B 19 13.08 -2.09 -8.95
N LEU B 20 12.44 -3.20 -9.33
CA LEU B 20 11.06 -3.43 -8.99
C LEU B 20 10.91 -3.52 -7.46
N LEU B 21 11.82 -4.26 -6.81
CA LEU B 21 11.78 -4.42 -5.38
C LEU B 21 11.90 -3.05 -4.72
N GLY B 22 12.85 -2.24 -5.20
CA GLY B 22 13.05 -0.93 -4.59
C GLY B 22 11.79 -0.06 -4.70
N ASP B 23 11.18 -0.05 -5.88
CA ASP B 23 9.95 0.71 -6.11
C ASP B 23 8.84 0.19 -5.20
N CYS B 24 8.62 -1.13 -5.20
CA CYS B 24 7.48 -1.72 -4.49
C CYS B 24 7.67 -1.57 -2.98
N VAL B 25 8.82 -2.03 -2.47
CA VAL B 25 9.05 -1.99 -1.04
C VAL B 25 9.28 -0.55 -0.57
N GLY B 26 10.01 0.25 -1.37
CA GLY B 26 10.25 1.64 -1.01
C GLY B 26 8.92 2.40 -0.91
N SER B 27 8.04 2.19 -1.89
CA SER B 27 6.75 2.86 -1.93
C SER B 27 5.92 2.48 -0.71
N PHE B 28 5.95 1.20 -0.35
CA PHE B 28 5.25 0.74 0.83
C PHE B 28 5.65 1.58 2.04
N TYR B 29 6.95 1.66 2.29
CA TYR B 29 7.44 2.30 3.52
C TYR B 29 7.22 3.80 3.46
N GLU B 30 7.35 4.39 2.27
CA GLU B 30 7.13 5.81 2.12
C GLU B 30 5.67 6.14 2.47
N ALA B 31 4.74 5.31 2.00
CA ALA B 31 3.33 5.56 2.24
C ALA B 31 2.97 5.35 3.71
N HIS B 32 3.70 4.46 4.40
CA HIS B 32 3.43 4.15 5.80
C HIS B 32 4.17 5.10 6.73
N ASP B 33 4.88 6.09 6.14
CA ASP B 33 5.81 6.94 6.86
C ASP B 33 6.58 6.15 7.91
N THR B 34 7.26 5.09 7.45
CA THR B 34 8.11 4.27 8.32
C THR B 34 9.55 4.47 7.85
N VAL B 35 10.41 5.02 8.73
CA VAL B 35 11.75 5.44 8.34
C VAL B 35 12.80 4.89 9.33
N ASP B 36 12.62 5.13 10.63
CA ASP B 36 13.51 4.59 11.65
C ASP B 36 13.92 3.17 11.24
N LEU B 37 15.24 2.93 11.16
CA LEU B 37 15.77 1.64 10.75
C LEU B 37 15.12 0.54 11.58
N THR B 38 14.90 0.82 12.87
CA THR B 38 14.31 -0.12 13.80
C THR B 38 12.91 -0.54 13.33
N SER B 39 12.12 0.43 12.84
CA SER B 39 10.74 0.14 12.48
C SER B 39 10.72 -0.59 11.12
N VAL B 40 11.64 -0.24 10.23
CA VAL B 40 11.77 -0.93 8.96
C VAL B 40 12.08 -2.41 9.22
N LEU B 41 13.06 -2.67 10.09
CA LEU B 41 13.43 -4.05 10.39
C LEU B 41 12.27 -4.81 11.04
N ARG B 42 11.48 -4.12 11.86
CA ARG B 42 10.36 -4.76 12.55
C ARG B 42 9.31 -5.20 11.55
N HIS B 43 9.09 -4.38 10.52
CA HIS B 43 8.00 -4.58 9.58
C HIS B 43 8.39 -5.49 8.41
N VAL B 44 9.67 -5.55 8.01
CA VAL B 44 10.04 -6.30 6.81
C VAL B 44 9.92 -7.81 7.01
N GLN B 45 9.71 -8.28 8.23
CA GLN B 45 9.46 -9.70 8.49
C GLN B 45 8.23 -10.16 7.70
N SER B 46 7.27 -9.26 7.48
CA SER B 46 6.07 -9.60 6.73
C SER B 46 6.42 -10.05 5.31
N LEU B 47 7.60 -9.65 4.80
CA LEU B 47 8.03 -10.02 3.45
C LEU B 47 8.57 -11.47 3.42
N GLU B 48 8.89 -12.04 4.57
CA GLU B 48 9.52 -13.36 4.60
C GLU B 48 8.44 -14.42 4.42
N PRO B 49 8.80 -15.68 4.07
CA PRO B 49 7.80 -16.75 3.94
C PRO B 49 7.53 -17.44 5.27
N THR B 59 -0.39 -12.86 -2.91
CA THR B 59 0.89 -12.63 -3.64
C THR B 59 0.67 -11.49 -4.63
N GLU B 60 1.76 -10.79 -4.96
CA GLU B 60 1.71 -9.48 -5.60
C GLU B 60 0.84 -8.55 -4.77
N ALA B 61 1.26 -8.33 -3.53
CA ALA B 61 0.56 -7.48 -2.58
C ALA B 61 1.02 -6.03 -2.73
N LEU B 62 2.24 -5.85 -3.26
CA LEU B 62 2.88 -4.55 -3.30
C LEU B 62 2.77 -4.00 -4.72
N TYR B 63 2.05 -2.87 -4.84
CA TYR B 63 1.85 -2.20 -6.12
C TYR B 63 3.09 -1.40 -6.51
N TYR B 64 3.42 -1.44 -7.80
CA TYR B 64 4.50 -0.61 -8.29
C TYR B 64 3.95 0.79 -8.54
N THR B 65 4.87 1.76 -8.81
CA THR B 65 4.47 3.14 -9.06
C THR B 65 4.91 3.54 -10.46
N ASP B 66 4.77 4.84 -10.74
CA ASP B 66 5.23 5.44 -11.99
C ASP B 66 6.69 5.07 -12.29
N ASP B 67 7.50 4.83 -11.24
CA ASP B 67 8.90 4.48 -11.47
C ASP B 67 9.00 3.24 -12.35
N THR B 68 8.26 2.18 -11.97
CA THR B 68 8.24 0.93 -12.72
C THR B 68 7.47 1.11 -14.04
N ALA B 69 6.35 1.85 -14.03
CA ALA B 69 5.54 1.99 -15.23
C ALA B 69 6.37 2.61 -16.35
N MET B 70 7.18 3.62 -16.01
CA MET B 70 8.01 4.31 -16.99
CA MET B 70 8.01 4.31 -16.99
C MET B 70 9.19 3.45 -17.38
N ALA B 71 9.77 2.72 -16.41
CA ALA B 71 10.86 1.80 -16.72
C ALA B 71 10.39 0.74 -17.73
N ARG B 72 9.17 0.24 -17.53
CA ARG B 72 8.62 -0.80 -18.40
C ARG B 72 8.40 -0.25 -19.81
N ALA B 73 7.84 0.96 -19.93
CA ALA B 73 7.63 1.56 -21.24
C ALA B 73 8.96 1.81 -21.97
N LEU B 74 9.99 2.21 -21.23
CA LEU B 74 11.30 2.44 -21.82
C LEU B 74 11.84 1.13 -22.40
N VAL B 75 11.72 0.05 -21.64
CA VAL B 75 12.27 -1.23 -22.07
C VAL B 75 11.46 -1.76 -23.25
N GLN B 76 10.13 -1.59 -23.19
CA GLN B 76 9.26 -2.05 -24.27
C GLN B 76 9.58 -1.31 -25.56
N SER B 77 9.95 -0.03 -25.46
CA SER B 77 10.29 0.74 -26.65
C SER B 77 11.57 0.18 -27.26
N LEU B 78 12.57 -0.10 -26.41
CA LEU B 78 13.86 -0.60 -26.88
C LEU B 78 13.66 -1.95 -27.57
N LEU B 79 12.82 -2.81 -26.98
CA LEU B 79 12.60 -4.13 -27.52
C LEU B 79 11.84 -4.05 -28.85
N ALA B 80 10.82 -3.18 -28.92
CA ALA B 80 10.03 -3.07 -30.15
C ALA B 80 10.88 -2.59 -31.33
N LYS B 81 11.80 -1.65 -31.10
CA LYS B 81 12.57 -1.07 -32.20
C LYS B 81 13.98 -1.65 -32.26
N GLU B 82 14.35 -2.43 -31.25
CA GLU B 82 15.71 -2.95 -31.13
C GLU B 82 16.69 -1.79 -31.24
N ALA B 83 16.26 -0.63 -30.72
CA ALA B 83 17.00 0.60 -30.85
C ALA B 83 16.27 1.69 -30.08
N PHE B 84 16.97 2.83 -29.96
CA PHE B 84 16.39 4.04 -29.39
C PHE B 84 15.63 4.77 -30.51
N ASP B 85 14.33 5.00 -30.27
CA ASP B 85 13.49 5.81 -31.12
C ASP B 85 12.69 6.77 -30.24
N GLU B 86 12.98 8.08 -30.34
CA GLU B 86 12.45 9.06 -29.41
C GLU B 86 10.94 9.19 -29.58
N VAL B 87 10.46 9.07 -30.82
CA VAL B 87 9.04 9.16 -31.09
C VAL B 87 8.31 7.97 -30.46
N ASP B 88 8.83 6.76 -30.69
CA ASP B 88 8.21 5.55 -30.17
C ASP B 88 8.20 5.56 -28.64
N MET B 89 9.34 5.95 -28.06
CA MET B 89 9.48 5.93 -26.62
C MET B 89 8.59 6.97 -25.97
N ALA B 90 8.54 8.18 -26.56
CA ALA B 90 7.73 9.27 -26.04
C ALA B 90 6.25 8.90 -26.08
N HIS B 91 5.82 8.23 -27.16
CA HIS B 91 4.43 7.82 -27.31
C HIS B 91 4.08 6.75 -26.28
N ARG B 92 4.99 5.81 -26.05
CA ARG B 92 4.77 4.76 -25.07
C ARG B 92 4.67 5.33 -23.66
N PHE B 93 5.47 6.36 -23.35
CA PHE B 93 5.40 7.01 -22.04
C PHE B 93 4.03 7.65 -21.86
N ALA B 94 3.60 8.39 -22.90
CA ALA B 94 2.31 9.09 -22.87
C ALA B 94 1.15 8.10 -22.80
N GLN B 95 1.21 7.02 -23.58
CA GLN B 95 0.13 6.05 -23.61
C GLN B 95 0.05 5.27 -22.29
N GLU B 96 1.21 5.02 -21.66
CA GLU B 96 1.25 4.35 -20.35
C GLU B 96 0.55 5.22 -19.31
N TYR B 97 0.90 6.51 -19.29
CA TYR B 97 0.25 7.47 -18.41
C TYR B 97 -1.25 7.47 -18.66
N LYS B 98 -1.65 7.49 -19.94
CA LYS B 98 -3.05 7.59 -20.27
C LYS B 98 -3.81 6.34 -19.78
N LYS B 99 -3.23 5.17 -19.98
CA LYS B 99 -3.84 3.91 -19.60
C LYS B 99 -3.99 3.83 -18.08
N ASP B 100 -3.02 4.40 -17.34
CA ASP B 100 -2.99 4.27 -15.89
C ASP B 100 -2.41 5.52 -15.26
N PRO B 101 -3.21 6.61 -15.16
CA PRO B 101 -2.71 7.90 -14.68
C PRO B 101 -2.49 8.08 -13.18
N ASP B 102 -2.78 7.04 -12.38
CA ASP B 102 -2.90 7.20 -10.93
C ASP B 102 -1.75 6.51 -10.20
N ARG B 103 -0.65 6.26 -10.92
CA ARG B 103 0.51 5.55 -10.39
C ARG B 103 1.49 6.48 -9.68
N GLY B 104 1.18 7.78 -9.59
CA GLY B 104 1.94 8.71 -8.77
C GLY B 104 2.72 9.76 -9.58
N TYR B 105 2.26 10.04 -10.79
CA TYR B 105 2.90 11.02 -11.66
C TYR B 105 2.75 12.43 -11.10
N GLY B 106 3.85 13.19 -11.08
CA GLY B 106 3.80 14.61 -10.74
C GLY B 106 3.03 15.42 -11.79
N ALA B 107 2.57 16.61 -11.39
CA ALA B 107 1.79 17.48 -12.27
C ALA B 107 2.64 17.95 -13.44
N GLY B 108 3.94 18.13 -13.21
CA GLY B 108 4.87 18.59 -14.23
C GLY B 108 4.92 17.62 -15.41
N VAL B 109 5.18 16.34 -15.12
CA VAL B 109 5.34 15.36 -16.18
C VAL B 109 3.99 15.11 -16.84
N VAL B 110 2.88 15.37 -16.12
CA VAL B 110 1.56 15.25 -16.73
C VAL B 110 1.42 16.31 -17.82
N THR B 111 1.87 17.54 -17.57
CA THR B 111 1.82 18.58 -18.58
C THR B 111 2.55 18.10 -19.83
N VAL B 112 3.69 17.42 -19.64
CA VAL B 112 4.48 16.91 -20.75
C VAL B 112 3.72 15.83 -21.52
N PHE B 113 3.12 14.87 -20.79
CA PHE B 113 2.43 13.75 -21.44
C PHE B 113 1.22 14.23 -22.23
N LYS B 114 0.52 15.27 -21.74
CA LYS B 114 -0.66 15.76 -22.45
C LYS B 114 -0.24 16.40 -23.77
N LYS B 115 0.90 17.11 -23.78
CA LYS B 115 1.40 17.69 -25.02
C LYS B 115 1.82 16.57 -25.99
N LEU B 116 2.41 15.50 -25.46
CA LEU B 116 2.86 14.37 -26.26
C LEU B 116 1.68 13.58 -26.82
N LEU B 117 0.51 13.63 -26.14
CA LEU B 117 -0.67 12.90 -26.57
C LEU B 117 -1.33 13.61 -27.75
N ASN B 118 -1.08 14.92 -27.88
CA ASN B 118 -1.60 15.68 -28.99
C ASN B 118 -0.90 15.24 -30.27
N PRO B 119 -1.63 14.68 -31.27
CA PRO B 119 -0.98 14.13 -32.46
C PRO B 119 -0.34 15.18 -33.38
N LYS B 120 -0.72 16.46 -33.18
CA LYS B 120 -0.11 17.58 -33.87
C LYS B 120 1.33 17.80 -33.41
N CYS B 121 1.68 17.29 -32.22
CA CYS B 121 3.02 17.44 -31.68
C CYS B 121 4.04 16.84 -32.65
N ARG B 122 4.97 17.69 -33.13
CA ARG B 122 6.05 17.26 -34.00
C ARG B 122 7.25 16.84 -33.16
N ASP B 123 7.75 17.79 -32.33
CA ASP B 123 9.03 17.63 -31.66
C ASP B 123 8.80 17.07 -30.27
N VAL B 124 9.13 15.78 -30.08
CA VAL B 124 8.81 15.10 -28.83
C VAL B 124 9.75 15.54 -27.72
N PHE B 125 10.79 16.34 -28.03
CA PHE B 125 11.68 16.86 -26.99
C PHE B 125 11.22 18.24 -26.50
N GLU B 126 10.34 18.93 -27.24
CA GLU B 126 10.01 20.32 -26.94
C GLU B 126 9.18 20.46 -25.65
N PRO B 127 8.18 19.58 -25.37
CA PRO B 127 7.45 19.64 -24.11
C PRO B 127 8.32 19.71 -22.86
N ALA B 128 9.31 18.83 -22.76
CA ALA B 128 10.20 18.79 -21.62
C ALA B 128 10.99 20.09 -21.51
N ARG B 129 11.38 20.67 -22.65
CA ARG B 129 12.19 21.88 -22.65
C ARG B 129 11.37 23.07 -22.17
N ALA B 130 10.05 23.04 -22.36
CA ALA B 130 9.20 24.15 -21.97
C ALA B 130 9.05 24.23 -20.45
N GLN B 131 9.28 23.14 -19.73
CA GLN B 131 9.08 23.13 -18.29
C GLN B 131 10.08 24.08 -17.61
N PHE B 132 9.61 24.71 -16.52
CA PHE B 132 10.40 25.59 -15.68
C PHE B 132 10.99 26.74 -16.51
N ASN B 133 10.10 27.44 -17.22
CA ASN B 133 10.41 28.66 -17.96
C ASN B 133 11.47 28.38 -19.02
N GLY B 134 11.42 27.19 -19.62
CA GLY B 134 12.27 26.87 -20.76
C GLY B 134 13.62 26.27 -20.35
N LYS B 135 13.78 25.94 -19.06
CA LYS B 135 15.04 25.40 -18.56
C LYS B 135 14.94 23.89 -18.34
N GLY B 136 13.72 23.37 -18.20
CA GLY B 136 13.48 21.94 -18.01
C GLY B 136 13.61 21.51 -16.56
N SER B 137 13.11 20.31 -16.25
CA SER B 137 13.13 19.77 -14.90
C SER B 137 14.45 19.05 -14.62
N TYR B 138 14.93 19.18 -13.38
CA TYR B 138 16.09 18.40 -12.95
C TYR B 138 15.68 17.33 -11.96
N GLY B 139 14.40 16.91 -12.00
CA GLY B 139 13.91 15.80 -11.20
C GLY B 139 14.63 14.50 -11.53
N ASN B 140 14.44 13.49 -10.65
CA ASN B 140 15.05 12.19 -10.77
C ASN B 140 14.24 11.24 -11.66
N GLY B 141 13.15 11.72 -12.27
CA GLY B 141 12.29 10.89 -13.12
C GLY B 141 13.04 10.28 -14.32
N GLY B 142 13.99 11.02 -14.90
CA GLY B 142 14.78 10.48 -16.00
C GLY B 142 15.66 9.32 -15.55
N ALA B 143 16.15 9.42 -14.32
CA ALA B 143 17.08 8.45 -13.76
C ALA B 143 16.33 7.22 -13.25
N MET B 144 15.11 7.41 -12.73
CA MET B 144 14.41 6.34 -12.04
C MET B 144 14.06 5.18 -12.98
N ARG B 145 13.95 5.47 -14.30
CA ARG B 145 13.50 4.53 -15.31
C ARG B 145 14.62 4.04 -16.23
N VAL B 146 15.87 4.47 -15.97
CA VAL B 146 16.91 4.43 -16.98
C VAL B 146 17.65 3.08 -17.01
N ALA B 147 17.46 2.18 -16.03
CA ALA B 147 18.29 0.98 -15.96
C ALA B 147 18.26 0.17 -17.25
N GLY B 148 17.12 0.08 -17.91
CA GLY B 148 17.01 -0.69 -19.15
C GLY B 148 17.98 -0.22 -20.24
N ILE B 149 18.36 1.06 -20.26
CA ILE B 149 19.36 1.58 -21.18
C ILE B 149 20.66 0.79 -21.05
N SER B 150 21.09 0.54 -19.81
CA SER B 150 22.36 -0.13 -19.58
C SER B 150 22.28 -1.64 -19.83
N LEU B 151 21.06 -2.19 -19.88
CA LEU B 151 20.85 -3.56 -20.31
C LEU B 151 20.95 -3.67 -21.83
N ALA B 152 20.39 -2.69 -22.55
CA ALA B 152 20.40 -2.72 -24.01
C ALA B 152 21.78 -2.41 -24.59
N TYR B 153 22.52 -1.50 -23.94
CA TYR B 153 23.76 -0.99 -24.51
C TYR B 153 24.94 -1.30 -23.60
N SER B 154 25.98 -1.87 -24.18
CA SER B 154 27.13 -2.29 -23.40
C SER B 154 28.20 -1.19 -23.32
N SER B 155 28.35 -0.35 -24.35
CA SER B 155 29.44 0.64 -24.35
C SER B 155 29.05 1.86 -23.51
N VAL B 156 30.05 2.41 -22.79
CA VAL B 156 29.90 3.66 -22.07
C VAL B 156 29.33 4.72 -23.01
N GLN B 157 29.85 4.76 -24.25
CA GLN B 157 29.48 5.81 -25.19
C GLN B 157 27.96 5.76 -25.41
N ASP B 158 27.42 4.55 -25.63
CA ASP B 158 26.01 4.37 -25.93
C ASP B 158 25.15 4.55 -24.67
N VAL B 159 25.66 4.11 -23.53
CA VAL B 159 24.93 4.27 -22.29
C VAL B 159 24.71 5.76 -22.06
N GLN B 160 25.76 6.57 -22.25
CA GLN B 160 25.67 8.00 -21.98
C GLN B 160 24.70 8.65 -22.96
N LYS B 161 24.84 8.29 -24.23
CA LYS B 161 24.06 8.90 -25.31
C LYS B 161 22.57 8.66 -25.09
N PHE B 162 22.19 7.42 -24.77
CA PHE B 162 20.78 7.04 -24.72
C PHE B 162 20.19 7.28 -23.34
N ALA B 163 21.01 7.28 -22.29
CA ALA B 163 20.56 7.73 -20.99
C ALA B 163 20.13 9.18 -21.12
N ARG B 164 20.96 9.97 -21.80
CA ARG B 164 20.65 11.38 -22.00
C ARG B 164 19.37 11.56 -22.83
N LEU B 165 19.31 10.95 -24.02
CA LEU B 165 18.18 11.11 -24.91
C LEU B 165 16.88 10.65 -24.26
N SER B 166 16.88 9.47 -23.62
CA SER B 166 15.68 8.97 -22.99
C SER B 166 15.24 9.90 -21.85
N ALA B 167 16.20 10.38 -21.05
CA ALA B 167 15.89 11.27 -19.96
C ALA B 167 15.29 12.58 -20.47
N GLN B 168 15.79 13.09 -21.61
CA GLN B 168 15.41 14.39 -22.14
C GLN B 168 13.96 14.43 -22.61
N LEU B 169 13.31 13.28 -22.79
CA LEU B 169 11.89 13.23 -23.14
C LEU B 169 11.01 13.84 -22.04
N THR B 170 11.49 13.84 -20.79
CA THR B 170 10.76 14.44 -19.68
C THR B 170 11.60 15.45 -18.88
N HIS B 171 12.94 15.29 -18.87
CA HIS B 171 13.82 16.09 -18.02
C HIS B 171 14.91 16.76 -18.86
N ALA B 172 14.70 18.02 -19.21
CA ALA B 172 15.52 18.70 -20.21
C ALA B 172 16.69 19.48 -19.59
N SER B 173 16.69 19.62 -18.26
CA SER B 173 17.79 20.23 -17.54
C SER B 173 18.97 19.28 -17.46
N SER B 174 20.19 19.78 -17.67
CA SER B 174 21.38 18.95 -17.54
C SER B 174 21.48 18.37 -16.13
N LEU B 175 20.97 19.06 -15.11
CA LEU B 175 21.01 18.50 -13.76
C LEU B 175 20.13 17.26 -13.66
N GLY B 176 19.05 17.23 -14.45
CA GLY B 176 18.21 16.04 -14.54
C GLY B 176 18.84 14.93 -15.40
N TYR B 177 19.28 15.27 -16.61
CA TYR B 177 19.70 14.23 -17.55
C TYR B 177 21.08 13.74 -17.17
N ASN B 178 21.94 14.58 -16.57
CA ASN B 178 23.23 14.09 -16.11
C ASN B 178 23.05 13.10 -14.96
N GLY B 179 22.01 13.30 -14.13
CA GLY B 179 21.69 12.33 -13.08
C GLY B 179 21.26 10.98 -13.67
N ALA B 180 20.50 11.02 -14.76
CA ALA B 180 20.13 9.82 -15.48
C ALA B 180 21.37 9.13 -16.06
N ILE B 181 22.32 9.90 -16.61
CA ILE B 181 23.55 9.31 -17.15
C ILE B 181 24.32 8.64 -16.01
N LEU B 182 24.44 9.33 -14.88
CA LEU B 182 25.18 8.79 -13.76
C LEU B 182 24.56 7.48 -13.29
N GLN B 183 23.23 7.44 -13.15
CA GLN B 183 22.52 6.24 -12.73
C GLN B 183 22.77 5.11 -13.74
N ALA B 184 22.68 5.42 -15.06
CA ALA B 184 22.88 4.40 -16.09
C ALA B 184 24.32 3.89 -16.07
N LEU B 185 25.27 4.79 -15.80
CA LEU B 185 26.67 4.40 -15.71
C LEU B 185 26.91 3.46 -14.51
N ALA B 186 26.23 3.73 -13.39
CA ALA B 186 26.33 2.88 -12.21
C ALA B 186 25.79 1.47 -12.51
N VAL B 187 24.63 1.39 -13.19
CA VAL B 187 24.10 0.10 -13.59
C VAL B 187 25.06 -0.58 -14.55
N HIS B 188 25.62 0.16 -15.52
CA HIS B 188 26.60 -0.33 -16.48
C HIS B 188 27.78 -1.00 -15.79
N LEU B 189 28.35 -0.35 -14.77
CA LEU B 189 29.49 -0.88 -14.03
C LEU B 189 29.08 -2.11 -13.21
N ALA B 190 27.93 -2.04 -12.54
CA ALA B 190 27.46 -3.15 -11.72
C ALA B 190 27.28 -4.42 -12.55
N LEU B 191 26.80 -4.27 -13.80
CA LEU B 191 26.62 -5.41 -14.70
C LEU B 191 27.96 -6.08 -15.04
N GLN B 192 29.08 -5.42 -14.74
CA GLN B 192 30.39 -5.99 -14.96
C GLN B 192 30.86 -6.87 -13.81
N GLY B 193 30.15 -6.86 -12.67
CA GLY B 193 30.45 -7.76 -11.58
C GLY B 193 31.54 -7.21 -10.66
N GLU B 194 32.23 -8.15 -10.01
CA GLU B 194 33.05 -7.92 -8.82
C GLU B 194 33.95 -6.69 -8.99
N SER B 195 33.90 -5.80 -8.00
CA SER B 195 34.67 -4.57 -8.02
C SER B 195 34.94 -4.11 -6.59
N SER B 196 36.05 -3.40 -6.36
CA SER B 196 36.16 -2.62 -5.14
C SER B 196 35.19 -1.43 -5.23
N SER B 197 34.79 -0.86 -4.09
CA SER B 197 34.00 0.37 -4.05
C SER B 197 34.83 1.52 -4.61
N GLU B 198 36.14 1.50 -4.36
CA GLU B 198 37.03 2.55 -4.81
C GLU B 198 37.06 2.60 -6.33
N HIS B 199 37.24 1.43 -6.96
CA HIS B 199 37.31 1.35 -8.42
C HIS B 199 35.97 1.79 -9.03
N PHE B 200 34.86 1.32 -8.45
CA PHE B 200 33.53 1.64 -8.96
C PHE B 200 33.33 3.14 -8.91
N LEU B 201 33.67 3.76 -7.76
CA LEU B 201 33.48 5.19 -7.60
C LEU B 201 34.37 5.97 -8.54
N LYS B 202 35.64 5.57 -8.63
CA LYS B 202 36.62 6.28 -9.44
C LYS B 202 36.19 6.31 -10.91
N GLN B 203 35.63 5.20 -11.40
CA GLN B 203 35.17 5.10 -12.77
C GLN B 203 34.01 6.07 -13.03
N LEU B 204 33.08 6.16 -12.07
CA LEU B 204 31.96 7.07 -12.16
C LEU B 204 32.44 8.52 -12.16
N LEU B 205 33.41 8.82 -11.27
CA LEU B 205 33.91 10.17 -11.14
C LEU B 205 34.57 10.60 -12.45
N GLY B 206 35.36 9.72 -13.06
CA GLY B 206 36.05 10.02 -14.30
C GLY B 206 35.09 10.36 -15.44
N HIS B 207 34.00 9.59 -15.55
CA HIS B 207 32.98 9.82 -16.57
C HIS B 207 32.26 11.16 -16.35
N MET B 208 31.91 11.46 -15.10
CA MET B 208 31.17 12.67 -14.78
C MET B 208 32.05 13.92 -14.93
N GLU B 209 33.36 13.81 -14.63
CA GLU B 209 34.29 14.90 -14.85
C GLU B 209 34.33 15.28 -16.32
N ASP B 210 34.32 14.28 -17.20
CA ASP B 210 34.39 14.49 -18.65
C ASP B 210 33.11 15.17 -19.15
N LEU B 211 31.95 14.71 -18.67
CA LEU B 211 30.67 15.27 -19.05
C LEU B 211 30.54 16.70 -18.56
N GLU B 212 30.96 16.93 -17.32
CA GLU B 212 30.70 18.20 -16.66
C GLU B 212 31.76 19.20 -17.06
N GLY B 213 32.68 18.82 -17.96
CA GLY B 213 33.61 19.76 -18.58
C GLY B 213 33.00 20.50 -19.76
N ASP B 214 31.87 20.00 -20.27
CA ASP B 214 31.15 20.64 -21.37
C ASP B 214 30.64 22.00 -20.95
N ALA B 215 30.71 22.97 -21.87
CA ALA B 215 30.46 24.38 -21.56
C ALA B 215 29.01 24.62 -21.11
N GLN B 216 28.03 24.03 -21.81
CA GLN B 216 26.63 24.20 -21.47
C GLN B 216 26.32 23.61 -20.09
N SER B 217 26.97 22.49 -19.73
CA SER B 217 26.83 21.92 -18.40
C SER B 217 27.41 22.84 -17.33
N VAL B 218 28.54 23.49 -17.65
CA VAL B 218 29.23 24.35 -16.70
C VAL B 218 28.32 25.52 -16.37
N LEU B 219 27.77 26.15 -17.42
CA LEU B 219 26.86 27.28 -17.28
C LEU B 219 25.65 26.89 -16.44
N ASP B 220 25.10 25.68 -16.67
CA ASP B 220 23.88 25.22 -16.03
C ASP B 220 24.06 25.09 -14.52
N ALA B 221 25.20 24.52 -14.11
CA ALA B 221 25.53 24.34 -12.71
C ALA B 221 25.71 25.68 -12.02
N ARG B 222 26.39 26.60 -12.72
CA ARG B 222 26.76 27.91 -12.19
C ARG B 222 25.52 28.72 -11.85
N GLU B 223 24.49 28.65 -12.71
CA GLU B 223 23.21 29.31 -12.50
C GLU B 223 22.53 28.82 -11.22
N LEU B 224 22.67 27.52 -10.93
CA LEU B 224 22.04 26.94 -9.75
C LEU B 224 22.92 27.11 -8.51
N GLY B 225 24.07 27.80 -8.67
CA GLY B 225 24.94 28.15 -7.55
C GLY B 225 25.62 26.91 -6.98
N MET B 226 25.82 25.92 -7.86
CA MET B 226 26.43 24.64 -7.51
C MET B 226 27.91 24.71 -7.85
N GLU B 227 28.65 23.68 -7.42
CA GLU B 227 30.04 23.52 -7.83
C GLU B 227 30.08 23.38 -9.35
N GLU B 228 31.19 23.85 -9.96
CA GLU B 228 31.39 23.82 -11.40
C GLU B 228 31.02 22.45 -11.98
N ARG B 229 31.35 21.39 -11.23
CA ARG B 229 31.01 20.04 -11.64
C ARG B 229 30.21 19.39 -10.51
N PRO B 230 28.87 19.56 -10.47
CA PRO B 230 28.08 19.13 -9.31
C PRO B 230 28.12 17.63 -8.98
N TYR B 231 27.84 16.78 -9.99
CA TYR B 231 27.83 15.34 -9.76
C TYR B 231 29.24 14.88 -9.40
N SER B 232 30.26 15.44 -10.07
CA SER B 232 31.65 15.19 -9.71
C SER B 232 31.91 15.54 -8.25
N SER B 233 31.41 16.69 -7.79
CA SER B 233 31.63 17.12 -6.41
C SER B 233 30.92 16.17 -5.45
N ARG B 234 29.76 15.66 -5.82
CA ARG B 234 29.01 14.77 -4.95
C ARG B 234 29.67 13.40 -4.90
N LEU B 235 30.22 12.92 -6.02
CA LEU B 235 30.93 11.65 -6.03
C LEU B 235 32.16 11.74 -5.13
N LYS B 236 32.81 12.91 -5.09
CA LYS B 236 33.95 13.11 -4.21
C LYS B 236 33.50 13.00 -2.75
N LYS B 237 32.36 13.62 -2.44
CA LYS B 237 31.79 13.58 -1.09
C LYS B 237 31.48 12.13 -0.71
N ILE B 238 31.04 11.32 -1.67
CA ILE B 238 30.71 9.93 -1.41
C ILE B 238 31.98 9.19 -0.96
N GLY B 239 33.11 9.44 -1.66
CA GLY B 239 34.38 8.86 -1.28
C GLY B 239 34.81 9.25 0.15
N GLU B 240 34.58 10.52 0.53
CA GLU B 240 34.91 10.97 1.87
C GLU B 240 34.03 10.26 2.91
N LEU B 241 32.72 10.18 2.62
CA LEU B 241 31.76 9.54 3.51
C LEU B 241 32.12 8.05 3.70
N LEU B 242 32.60 7.42 2.64
CA LEU B 242 32.89 6.00 2.71
C LEU B 242 34.09 5.74 3.60
N ASP B 243 34.94 6.75 3.81
CA ASP B 243 36.11 6.64 4.65
C ASP B 243 35.88 7.21 6.05
N GLN B 244 34.69 7.75 6.33
CA GLN B 244 34.47 8.49 7.56
C GLN B 244 34.00 7.55 8.66
N ALA B 245 34.45 7.78 9.88
CA ALA B 245 34.02 7.02 11.04
C ALA B 245 32.59 7.41 11.43
N SER B 246 31.79 6.41 11.81
CA SER B 246 30.52 6.57 12.49
C SER B 246 29.59 7.51 11.72
N VAL B 247 29.39 7.21 10.45
CA VAL B 247 28.52 8.00 9.59
C VAL B 247 27.08 7.79 10.02
N THR B 248 26.36 8.90 10.30
CA THR B 248 24.96 8.85 10.69
C THR B 248 24.06 9.10 9.49
N ARG B 249 22.79 8.68 9.61
CA ARG B 249 21.75 8.99 8.64
C ARG B 249 21.72 10.49 8.37
N GLU B 250 21.80 11.30 9.44
CA GLU B 250 21.64 12.74 9.32
C GLU B 250 22.78 13.32 8.48
N GLU B 251 24.01 12.82 8.67
CA GLU B 251 25.15 13.25 7.88
C GLU B 251 24.95 12.87 6.41
N VAL B 252 24.48 11.65 6.15
CA VAL B 252 24.30 11.20 4.79
C VAL B 252 23.29 12.12 4.08
N VAL B 253 22.17 12.38 4.76
CA VAL B 253 21.08 13.15 4.17
C VAL B 253 21.51 14.61 4.04
N SER B 254 22.19 15.11 5.06
CA SER B 254 22.71 16.46 5.07
C SER B 254 23.68 16.67 3.91
N GLU B 255 24.55 15.69 3.62
CA GLU B 255 25.61 15.89 2.65
C GLU B 255 25.19 15.52 1.22
N LEU B 256 24.37 14.49 1.07
CA LEU B 256 24.03 13.98 -0.26
C LEU B 256 22.59 14.32 -0.65
N GLY B 257 21.69 14.45 0.32
CA GLY B 257 20.28 14.71 0.05
C GLY B 257 19.43 13.44 0.02
N ASN B 258 18.11 13.61 0.14
CA ASN B 258 17.21 12.49 -0.02
C ASN B 258 15.95 12.96 -0.76
N GLY B 259 16.15 13.88 -1.73
CA GLY B 259 15.05 14.61 -2.33
C GLY B 259 14.72 14.09 -3.72
N ILE B 260 13.72 14.71 -4.33
CA ILE B 260 13.24 14.29 -5.65
C ILE B 260 14.14 14.86 -6.75
N ALA B 261 15.00 15.84 -6.45
CA ALA B 261 15.96 16.31 -7.44
C ALA B 261 16.95 15.19 -7.74
N ALA B 262 17.34 15.05 -9.02
CA ALA B 262 18.28 14.03 -9.42
C ALA B 262 19.60 14.16 -8.66
N PHE B 263 20.03 15.39 -8.36
CA PHE B 263 21.34 15.55 -7.75
CA PHE B 263 21.31 15.66 -7.71
C PHE B 263 21.26 15.24 -6.24
N GLU B 264 20.03 15.16 -5.69
CA GLU B 264 19.81 14.88 -4.27
C GLU B 264 19.29 13.46 -4.06
N SER B 265 19.34 12.61 -5.09
CA SER B 265 18.85 11.25 -4.97
C SER B 265 19.75 10.26 -5.71
N VAL B 266 20.29 10.60 -6.88
CA VAL B 266 21.09 9.64 -7.60
C VAL B 266 22.41 9.37 -6.86
N PRO B 267 23.19 10.37 -6.46
CA PRO B 267 24.37 10.11 -5.62
C PRO B 267 24.07 9.32 -4.35
N THR B 268 22.95 9.64 -3.71
CA THR B 268 22.53 8.96 -2.49
C THR B 268 22.31 7.47 -2.76
N ALA B 269 21.60 7.15 -3.84
CA ALA B 269 21.37 5.76 -4.24
C ALA B 269 22.69 5.03 -4.44
N ILE B 270 23.63 5.66 -5.15
CA ILE B 270 24.94 5.11 -5.38
C ILE B 270 25.68 4.90 -4.05
N TYR B 271 25.62 5.87 -3.14
CA TYR B 271 26.22 5.73 -1.82
C TYR B 271 25.63 4.50 -1.12
N CYS B 272 24.32 4.31 -1.23
CA CYS B 272 23.65 3.19 -0.56
C CYS B 272 24.23 1.88 -1.08
N PHE B 273 24.38 1.79 -2.41
CA PHE B 273 24.96 0.61 -3.01
C PHE B 273 26.39 0.37 -2.48
N LEU B 274 27.24 1.39 -2.54
CA LEU B 274 28.65 1.22 -2.20
C LEU B 274 28.84 0.88 -0.72
N ARG B 275 28.15 1.62 0.14
CA ARG B 275 28.22 1.42 1.57
C ARG B 275 27.86 -0.02 1.93
N CYS B 276 26.77 -0.54 1.33
CA CYS B 276 26.21 -1.83 1.67
C CYS B 276 26.89 -3.00 0.95
N MET B 277 27.96 -2.74 0.19
CA MET B 277 28.79 -3.83 -0.31
C MET B 277 29.46 -4.57 0.84
N GLU B 278 29.57 -3.94 2.02
CA GLU B 278 30.11 -4.60 3.19
C GLU B 278 29.00 -4.82 4.22
N PRO B 279 29.15 -5.82 5.12
CA PRO B 279 28.16 -6.05 6.17
C PRO B 279 28.04 -4.83 7.08
N ASP B 280 26.82 -4.63 7.57
CA ASP B 280 26.50 -3.53 8.47
C ASP B 280 26.00 -4.15 9.78
N PRO B 281 26.67 -3.91 10.93
CA PRO B 281 26.25 -4.56 12.18
C PRO B 281 24.81 -4.21 12.56
N GLU B 282 24.32 -3.05 12.10
CA GLU B 282 22.98 -2.58 12.46
C GLU B 282 21.89 -3.31 11.66
N ILE B 283 22.27 -3.97 10.56
CA ILE B 283 21.32 -4.76 9.80
C ILE B 283 21.61 -6.24 10.01
N PRO B 284 20.62 -7.03 10.50
CA PRO B 284 20.83 -8.45 10.74
C PRO B 284 21.52 -9.16 9.57
N SER B 285 22.49 -10.01 9.91
CA SER B 285 23.33 -10.64 8.92
C SER B 285 22.55 -11.67 8.09
N ALA B 286 21.35 -12.06 8.53
CA ALA B 286 20.53 -12.98 7.75
C ALA B 286 20.02 -12.32 6.47
N PHE B 287 19.99 -10.98 6.41
CA PHE B 287 19.66 -10.30 5.18
C PHE B 287 20.86 -10.35 4.26
N ASN B 288 20.63 -10.61 2.96
CA ASN B 288 21.71 -10.66 1.98
C ASN B 288 22.08 -9.22 1.59
N SER B 289 23.02 -9.11 0.64
CA SER B 289 23.56 -7.81 0.29
C SER B 289 22.54 -6.93 -0.43
N LEU B 290 21.72 -7.55 -1.28
CA LEU B 290 20.67 -6.79 -1.95
C LEU B 290 19.64 -6.28 -0.92
N GLN B 291 19.23 -7.16 -0.03
CA GLN B 291 18.24 -6.83 0.99
C GLN B 291 18.76 -5.71 1.89
N ARG B 292 20.02 -5.83 2.31
CA ARG B 292 20.66 -4.84 3.16
C ARG B 292 20.67 -3.47 2.47
N THR B 293 20.99 -3.44 1.17
CA THR B 293 21.03 -2.20 0.41
C THR B 293 19.65 -1.53 0.39
N LEU B 294 18.58 -2.32 0.14
CA LEU B 294 17.22 -1.79 0.09
C LEU B 294 16.80 -1.26 1.45
N ILE B 295 17.02 -2.06 2.50
CA ILE B 295 16.68 -1.69 3.84
C ILE B 295 17.40 -0.38 4.20
N TYR B 296 18.71 -0.33 3.93
CA TYR B 296 19.49 0.84 4.30
C TYR B 296 18.94 2.07 3.56
N SER B 297 18.69 1.93 2.26
CA SER B 297 18.21 3.05 1.45
C SER B 297 16.88 3.58 2.01
N ILE B 298 15.99 2.66 2.42
CA ILE B 298 14.68 3.04 2.94
C ILE B 298 14.83 3.83 4.24
N SER B 299 15.81 3.45 5.08
CA SER B 299 16.02 4.11 6.36
C SER B 299 16.48 5.56 6.23
N LEU B 300 16.88 6.03 5.05
CA LEU B 300 17.27 7.42 4.87
C LEU B 300 16.05 8.35 4.74
N GLY B 301 14.86 7.78 4.46
CA GLY B 301 13.66 8.58 4.31
C GLY B 301 13.70 9.47 3.07
N GLY B 302 12.86 10.50 3.05
CA GLY B 302 12.74 11.36 1.89
C GLY B 302 12.05 10.65 0.72
N ASP B 303 12.66 10.75 -0.47
CA ASP B 303 12.09 10.20 -1.69
C ASP B 303 12.47 8.72 -1.79
N THR B 304 11.96 7.94 -0.83
CA THR B 304 12.43 6.60 -0.57
C THR B 304 12.15 5.69 -1.76
N ASP B 305 10.98 5.93 -2.37
CA ASP B 305 10.52 5.16 -3.51
C ASP B 305 11.60 5.13 -4.60
N THR B 306 12.01 6.32 -5.03
CA THR B 306 12.93 6.42 -6.15
C THR B 306 14.38 6.12 -5.72
N ILE B 307 14.81 6.56 -4.54
CA ILE B 307 16.13 6.19 -4.03
C ILE B 307 16.29 4.67 -3.96
N ALA B 308 15.28 3.98 -3.42
CA ALA B 308 15.30 2.53 -3.31
C ALA B 308 15.26 1.86 -4.69
N THR B 309 14.48 2.42 -5.64
CA THR B 309 14.41 1.87 -6.99
C THR B 309 15.79 1.92 -7.65
N MET B 310 16.49 3.06 -7.50
CA MET B 310 17.78 3.24 -8.15
C MET B 310 18.88 2.42 -7.48
N ALA B 311 18.91 2.40 -6.14
CA ALA B 311 19.87 1.55 -5.43
C ALA B 311 19.64 0.08 -5.78
N GLY B 312 18.35 -0.29 -5.87
CA GLY B 312 17.97 -1.66 -6.16
C GLY B 312 18.41 -2.10 -7.55
N ALA B 313 18.26 -1.23 -8.56
CA ALA B 313 18.74 -1.52 -9.89
C ALA B 313 20.24 -1.83 -9.86
N ILE B 314 21.02 -1.00 -9.15
CA ILE B 314 22.46 -1.14 -9.16
C ILE B 314 22.83 -2.43 -8.44
N ALA B 315 22.25 -2.63 -7.25
CA ALA B 315 22.54 -3.79 -6.45
C ALA B 315 22.14 -5.09 -7.17
N GLY B 316 20.99 -5.05 -7.86
CA GLY B 316 20.50 -6.23 -8.55
C GLY B 316 21.41 -6.67 -9.68
N ALA B 317 21.93 -5.69 -10.43
CA ALA B 317 22.89 -5.94 -11.49
C ALA B 317 24.17 -6.55 -10.95
N TYR B 318 24.59 -6.07 -9.76
CA TYR B 318 25.84 -6.45 -9.13
C TYR B 318 25.78 -7.84 -8.48
N TYR B 319 24.69 -8.10 -7.74
CA TYR B 319 24.56 -9.34 -6.97
C TYR B 319 23.83 -10.42 -7.80
N GLY B 320 23.01 -10.00 -8.75
CA GLY B 320 22.34 -10.94 -9.63
C GLY B 320 21.15 -11.61 -8.95
N MET B 321 20.56 -12.56 -9.66
CA MET B 321 19.29 -13.17 -9.32
C MET B 321 19.42 -14.04 -8.08
N ASP B 322 20.63 -14.58 -7.83
CA ASP B 322 20.89 -15.38 -6.65
C ASP B 322 20.53 -14.64 -5.35
N GLN B 323 20.59 -13.31 -5.37
CA GLN B 323 20.31 -12.55 -4.15
C GLN B 323 18.94 -11.89 -4.21
N VAL B 324 18.13 -12.20 -5.23
CA VAL B 324 16.74 -11.78 -5.25
C VAL B 324 15.92 -12.82 -4.48
N PRO B 325 15.46 -12.52 -3.24
CA PRO B 325 14.73 -13.51 -2.45
C PRO B 325 13.36 -13.74 -3.08
N GLU B 326 12.99 -15.00 -3.25
CA GLU B 326 11.76 -15.28 -3.98
C GLU B 326 10.56 -14.73 -3.22
N SER B 327 10.59 -14.78 -1.89
CA SER B 327 9.46 -14.28 -1.11
C SER B 327 9.32 -12.76 -1.26
N TRP B 328 10.42 -12.01 -1.40
CA TRP B 328 10.32 -10.58 -1.66
C TRP B 328 9.81 -10.34 -3.10
N GLN B 329 10.47 -10.97 -4.06
CA GLN B 329 10.15 -10.78 -5.48
C GLN B 329 8.66 -11.06 -5.74
N GLN B 330 8.15 -12.16 -5.20
CA GLN B 330 6.80 -12.64 -5.50
C GLN B 330 5.74 -11.75 -4.84
N SER B 331 6.14 -10.87 -3.92
CA SER B 331 5.23 -9.92 -3.31
C SER B 331 5.00 -8.72 -4.22
N CYS B 332 5.81 -8.56 -5.27
CA CYS B 332 5.75 -7.37 -6.11
C CYS B 332 4.89 -7.55 -7.35
N GLU B 333 4.01 -6.57 -7.60
CA GLU B 333 3.19 -6.51 -8.79
C GLU B 333 4.03 -6.61 -10.06
N GLY B 334 3.67 -7.56 -10.92
CA GLY B 334 4.27 -7.68 -12.24
C GLY B 334 5.69 -8.24 -12.24
N TYR B 335 6.08 -9.02 -11.21
CA TYR B 335 7.46 -9.48 -11.12
C TYR B 335 7.78 -10.43 -12.28
N GLU B 336 6.77 -11.17 -12.77
CA GLU B 336 7.01 -12.15 -13.83
C GLU B 336 7.22 -11.42 -15.16
N GLU B 337 6.38 -10.41 -15.40
CA GLU B 337 6.52 -9.59 -16.60
C GLU B 337 7.89 -8.90 -16.58
N THR B 338 8.25 -8.32 -15.44
CA THR B 338 9.56 -7.71 -15.25
C THR B 338 10.67 -8.70 -15.63
N ASP B 339 10.56 -9.94 -15.13
CA ASP B 339 11.57 -10.94 -15.41
C ASP B 339 11.63 -11.30 -16.90
N ILE B 340 10.46 -11.42 -17.57
CA ILE B 340 10.46 -11.73 -19.01
C ILE B 340 11.11 -10.58 -19.80
N LEU B 341 10.84 -9.34 -19.41
CA LEU B 341 11.44 -8.19 -20.08
C LEU B 341 12.97 -8.22 -19.94
N ALA B 342 13.49 -8.59 -18.77
CA ALA B 342 14.93 -8.71 -18.56
C ALA B 342 15.52 -9.79 -19.46
N GLN B 343 14.81 -10.92 -19.55
CA GLN B 343 15.24 -12.03 -20.40
C GLN B 343 15.23 -11.59 -21.86
N SER B 344 14.18 -10.87 -22.25
CA SER B 344 14.08 -10.35 -23.62
C SER B 344 15.21 -9.39 -23.95
N LEU B 345 15.56 -8.48 -23.02
CA LEU B 345 16.68 -7.58 -23.24
C LEU B 345 17.97 -8.37 -23.46
N HIS B 346 18.20 -9.41 -22.66
CA HIS B 346 19.41 -10.20 -22.80
C HIS B 346 19.49 -10.92 -24.14
N ARG B 347 18.35 -11.44 -24.61
CA ARG B 347 18.30 -12.21 -25.83
C ARG B 347 18.50 -11.29 -27.03
N VAL B 348 17.87 -10.11 -26.97
CA VAL B 348 17.90 -9.21 -28.10
C VAL B 348 19.23 -8.47 -28.19
N PHE B 349 19.78 -8.04 -27.04
CA PHE B 349 20.87 -7.07 -27.06
C PHE B 349 22.20 -7.68 -26.62
N GLN B 350 22.20 -8.86 -25.99
CA GLN B 350 23.44 -9.44 -25.46
C GLN B 350 23.72 -10.77 -26.16
N LYS B 351 23.86 -10.73 -27.49
CA LYS B 351 24.12 -11.90 -28.30
C LYS B 351 25.63 -12.07 -28.51
N SER B 352 26.38 -10.98 -28.31
CA SER B 352 27.84 -11.02 -28.26
C SER B 352 28.31 -11.71 -26.97
#